data_6LF0
#
_entry.id   6LF0
#
_cell.length_a   88.720
_cell.length_b   98.480
_cell.length_c   146.570
_cell.angle_alpha   90.000
_cell.angle_beta   90.000
_cell.angle_gamma   90.000
#
_symmetry.space_group_name_H-M   'P 21 21 21'
#
loop_
_entity.id
_entity.type
_entity.pdbx_description
1 polymer 'Protein fem-1 homolog C'
2 non-polymer 'SULFATE ION'
3 water water
#
_entity_poly.entity_id   1
_entity_poly.type   'polypeptide(L)'
_entity_poly.pdbx_seq_one_letter_code
;MDLKTAVFNAARDGKLRLLTKLLASKSKEEVSSLISEKTNGATPLLMAARYGHLDMVEFLLEQCSASIEVGGSVNFDGET
IEGAPPLWAASAAGHLKVVQSLLNHGASVNNTTLTNSTPLRAACFDGHLEIVKYLVEHKADLEVSNRHGHTCLMISCYKG
HKEIAQYLLEKGADVNRKSVKGNTALHDCAESGSLDIMKMLLMYCAKMEKDGYGMTPLLSASVTGHTNIVDFLTHHAQTS
KTERINALELLGATFVDKKRDLLGALKYWKKAMNMRYSDRTNIISKPVPQTLIMAYDYAKEVNSAEELEGLIADPDEMRM
QALLIRERILGPSHPDTSYYIRYRGAVYADSGNFKRCINLWKYALDMQQSNLDPLSPMTASSLLSFAELFSFMLQDRAKG
LLG
;
_entity_poly.pdbx_strand_id   A,B
#
loop_
_chem_comp.id
_chem_comp.type
_chem_comp.name
_chem_comp.formula
SO4 non-polymer 'SULFATE ION' 'O4 S -2'
#
# COMPACT_ATOMS: atom_id res chain seq x y z
N ASP A 2 24.74 -6.03 22.92
CA ASP A 2 24.26 -5.69 24.25
C ASP A 2 23.16 -6.66 24.69
N LEU A 3 23.04 -6.86 26.00
CA LEU A 3 22.12 -7.86 26.52
C LEU A 3 20.67 -7.48 26.26
N LYS A 4 20.38 -6.17 26.21
CA LYS A 4 19.03 -5.69 25.95
C LYS A 4 18.49 -6.26 24.63
N THR A 5 19.17 -5.95 23.52
CA THR A 5 18.72 -6.46 22.23
C THR A 5 18.85 -7.97 22.13
N ALA A 6 19.77 -8.57 22.88
CA ALA A 6 19.91 -10.02 22.87
C ALA A 6 18.63 -10.70 23.37
N VAL A 7 18.09 -10.24 24.50
CA VAL A 7 16.88 -10.89 25.01
C VAL A 7 15.70 -10.56 24.12
N PHE A 8 15.67 -9.36 23.54
CA PHE A 8 14.64 -8.99 22.59
C PHE A 8 14.61 -9.96 21.42
N ASN A 9 15.75 -10.13 20.73
CA ASN A 9 15.81 -10.99 19.56
C ASN A 9 15.48 -12.43 19.91
N ALA A 10 15.88 -12.87 21.11
CA ALA A 10 15.54 -14.21 21.56
C ALA A 10 14.03 -14.35 21.80
N ALA A 11 13.40 -13.31 22.33
CA ALA A 11 11.95 -13.35 22.48
C ALA A 11 11.26 -13.36 21.13
N ARG A 12 11.74 -12.54 20.19
CA ARG A 12 11.11 -12.43 18.88
C ARG A 12 11.12 -13.76 18.14
N ASP A 13 12.17 -14.55 18.33
CA ASP A 13 12.31 -15.84 17.67
C ASP A 13 11.80 -17.02 18.49
N GLY A 14 11.28 -16.76 19.69
CA GLY A 14 10.77 -17.82 20.53
C GLY A 14 11.81 -18.77 21.06
N LYS A 15 13.08 -18.34 21.15
CA LYS A 15 14.18 -19.22 21.55
C LYS A 15 14.27 -19.26 23.07
N LEU A 16 13.59 -20.24 23.66
CA LEU A 16 13.40 -20.27 25.10
C LEU A 16 14.67 -20.69 25.84
N ARG A 17 15.27 -21.81 25.45
CA ARG A 17 16.53 -22.22 26.07
C ARG A 17 17.60 -21.15 25.92
N LEU A 18 17.68 -20.53 24.74
CA LEU A 18 18.64 -19.45 24.55
C LEU A 18 18.37 -18.29 25.50
N LEU A 19 17.10 -17.92 25.67
CA LEU A 19 16.78 -16.77 26.53
C LEU A 19 17.10 -17.05 27.99
N THR A 20 16.74 -18.24 28.48
CA THR A 20 17.04 -18.55 29.89
C THR A 20 18.54 -18.54 30.13
N LYS A 21 19.33 -18.96 29.13
CA LYS A 21 20.78 -18.89 29.25
C LYS A 21 21.26 -17.44 29.37
N LEU A 22 20.59 -16.52 28.69
CA LEU A 22 21.00 -15.12 28.74
C LEU A 22 20.55 -14.41 30.02
N LEU A 23 19.63 -15.00 30.79
CA LEU A 23 19.17 -14.42 32.04
C LEU A 23 19.69 -15.18 33.26
N ALA A 24 20.49 -16.22 33.06
CA ALA A 24 20.94 -17.05 34.17
C ALA A 24 21.71 -16.21 35.19
N SER A 25 21.38 -16.40 36.46
CA SER A 25 22.04 -15.73 37.58
C SER A 25 21.98 -14.21 37.42
N LYS A 26 20.80 -13.73 37.04
CA LYS A 26 20.51 -12.30 37.03
C LYS A 26 19.42 -12.03 38.05
N SER A 27 19.57 -10.93 38.78
CA SER A 27 18.62 -10.60 39.84
C SER A 27 17.22 -10.40 39.28
N LYS A 28 16.22 -10.87 40.03
CA LYS A 28 14.83 -10.68 39.65
C LYS A 28 14.55 -9.27 39.18
N GLU A 29 15.04 -8.27 39.93
CA GLU A 29 14.84 -6.87 39.57
C GLU A 29 15.56 -6.52 38.27
N GLU A 30 16.64 -7.22 37.92
CA GLU A 30 17.38 -6.90 36.71
C GLU A 30 16.73 -7.49 35.47
N VAL A 31 16.25 -8.74 35.55
CA VAL A 31 15.58 -9.30 34.39
C VAL A 31 14.29 -8.55 34.11
N SER A 32 13.60 -8.07 35.15
CA SER A 32 12.37 -7.32 34.94
C SER A 32 12.65 -5.99 34.25
N SER A 33 13.84 -5.43 34.48
CA SER A 33 14.26 -4.25 33.72
C SER A 33 14.66 -4.61 32.30
N LEU A 34 15.15 -5.84 32.09
CA LEU A 34 15.56 -6.27 30.75
C LEU A 34 14.34 -6.63 29.90
N ILE A 35 13.31 -7.22 30.49
CA ILE A 35 12.12 -7.59 29.72
C ILE A 35 11.26 -6.36 29.43
N SER A 36 11.31 -5.34 30.27
CA SER A 36 10.50 -4.14 30.10
C SER A 36 11.14 -3.12 29.16
N GLU A 37 12.13 -3.55 28.38
CA GLU A 37 12.91 -2.66 27.54
C GLU A 37 12.33 -2.61 26.14
N LYS A 38 12.15 -1.40 25.61
CA LYS A 38 11.73 -1.23 24.23
C LYS A 38 12.92 -1.39 23.28
N THR A 39 12.70 -2.09 22.18
CA THR A 39 13.67 -2.25 21.11
C THR A 39 12.91 -2.13 19.80
N ASN A 40 13.29 -1.16 18.97
CA ASN A 40 12.54 -0.84 17.75
C ASN A 40 11.07 -0.55 18.07
N GLY A 41 10.82 0.05 19.22
CA GLY A 41 9.49 0.43 19.64
C GLY A 41 8.66 -0.68 20.25
N ALA A 42 9.24 -1.86 20.47
CA ALA A 42 8.51 -3.03 20.93
C ALA A 42 9.20 -3.65 22.13
N THR A 43 8.41 -4.37 22.96
CA THR A 43 8.95 -5.13 24.07
C THR A 43 9.12 -6.60 23.69
N PRO A 44 9.96 -7.33 24.42
CA PRO A 44 10.05 -8.78 24.22
C PRO A 44 8.71 -9.50 24.29
N LEU A 45 7.79 -9.07 25.17
CA LEU A 45 6.49 -9.71 25.26
C LEU A 45 5.63 -9.39 24.04
N LEU A 46 5.64 -8.13 23.60
CA LEU A 46 4.89 -7.78 22.40
C LEU A 46 5.32 -8.62 21.21
N MET A 47 6.63 -8.84 21.05
CA MET A 47 7.13 -9.66 19.94
C MET A 47 6.75 -11.12 20.11
N ALA A 48 6.93 -11.67 21.31
CA ALA A 48 6.55 -13.06 21.53
C ALA A 48 5.06 -13.29 21.31
N ALA A 49 4.23 -12.34 21.77
CA ALA A 49 2.78 -12.44 21.54
C ALA A 49 2.42 -12.26 20.06
N ARG A 50 3.05 -11.29 19.40
CA ARG A 50 2.71 -11.01 18.01
C ARG A 50 3.02 -12.20 17.11
N TYR A 51 4.09 -12.93 17.40
CA TYR A 51 4.51 -14.05 16.58
C TYR A 51 4.07 -15.39 17.15
N GLY A 52 3.22 -15.40 18.18
CA GLY A 52 2.60 -16.61 18.66
C GLY A 52 3.51 -17.58 19.37
N HIS A 53 4.56 -17.11 20.03
CA HIS A 53 5.50 -17.97 20.75
C HIS A 53 4.97 -18.20 22.16
N LEU A 54 4.09 -19.20 22.30
CA LEU A 54 3.33 -19.40 23.54
C LEU A 54 4.23 -19.66 24.74
N ASP A 55 5.18 -20.60 24.59
CA ASP A 55 6.08 -20.89 25.71
C ASP A 55 6.92 -19.68 26.09
N MET A 56 7.29 -18.85 25.10
CA MET A 56 8.00 -17.62 25.40
C MET A 56 7.12 -16.64 26.16
N VAL A 57 5.87 -16.45 25.70
CA VAL A 57 4.93 -15.58 26.40
C VAL A 57 4.72 -16.06 27.84
N GLU A 58 4.56 -17.36 28.03
CA GLU A 58 4.42 -17.89 29.37
C GLU A 58 5.68 -17.64 30.21
N PHE A 59 6.86 -17.84 29.62
CA PHE A 59 8.09 -17.63 30.37
C PHE A 59 8.24 -16.18 30.79
N LEU A 60 8.08 -15.25 29.84
CA LEU A 60 8.25 -13.83 30.13
C LEU A 60 7.32 -13.37 31.25
N LEU A 61 6.07 -13.83 31.24
CA LEU A 61 5.11 -13.35 32.24
C LEU A 61 5.42 -13.92 33.61
N GLU A 62 5.89 -15.18 33.69
CA GLU A 62 6.36 -15.72 34.96
C GLU A 62 7.47 -14.84 35.54
N GLN A 63 8.36 -14.34 34.69
CA GLN A 63 9.43 -13.47 35.18
C GLN A 63 8.90 -12.15 35.69
N CYS A 64 8.08 -11.48 34.88
CA CYS A 64 7.53 -10.17 35.27
C CYS A 64 6.35 -9.85 34.37
N SER A 65 5.21 -9.53 34.97
CA SER A 65 4.00 -9.19 34.25
C SER A 65 3.86 -7.69 33.99
N ALA A 66 4.91 -6.91 34.26
CA ALA A 66 4.78 -5.45 34.27
C ALA A 66 4.61 -4.84 32.88
N SER A 67 4.92 -5.56 31.81
CA SER A 67 4.79 -5.01 30.47
C SER A 67 3.54 -5.52 29.74
N ILE A 68 2.68 -6.27 30.44
CA ILE A 68 1.54 -6.93 29.79
C ILE A 68 0.59 -5.94 29.15
N GLU A 69 0.53 -4.70 29.62
CA GLU A 69 -0.32 -3.68 29.00
C GLU A 69 0.46 -2.65 28.18
N VAL A 70 1.77 -2.81 28.02
CA VAL A 70 2.59 -1.80 27.34
C VAL A 70 2.48 -1.97 25.84
N GLY A 71 1.98 -0.94 25.16
CA GLY A 71 1.82 -0.98 23.73
C GLY A 71 3.07 -0.53 22.99
N GLY A 72 3.26 -1.05 21.79
CA GLY A 72 4.42 -0.73 20.99
C GLY A 72 4.19 -0.96 19.51
N SER A 73 5.29 -0.99 18.76
CA SER A 73 5.25 -1.05 17.31
C SER A 73 5.23 -2.49 16.81
N VAL A 74 4.24 -2.83 16.00
CA VAL A 74 4.16 -4.14 15.38
C VAL A 74 3.91 -3.97 13.89
N ASN A 75 4.38 -4.93 13.11
CA ASN A 75 4.24 -4.90 11.68
C ASN A 75 3.24 -5.96 11.23
N PHE A 76 2.25 -5.54 10.46
CA PHE A 76 1.28 -6.44 9.84
C PHE A 76 1.26 -6.15 8.35
N ASP A 77 1.86 -7.06 7.57
CA ASP A 77 1.83 -7.01 6.11
C ASP A 77 2.42 -5.70 5.57
N GLY A 78 3.60 -5.34 6.07
CA GLY A 78 4.28 -4.14 5.62
C GLY A 78 3.82 -2.86 6.29
N GLU A 79 2.67 -2.86 6.95
CA GLU A 79 2.20 -1.71 7.69
C GLU A 79 2.67 -1.77 9.14
N THR A 80 3.00 -0.61 9.69
CA THR A 80 3.41 -0.52 11.08
C THR A 80 2.25 0.06 11.89
N ILE A 81 1.92 -0.59 13.00
CA ILE A 81 0.83 -0.17 13.87
C ILE A 81 1.44 0.21 15.22
N GLU A 82 1.07 1.38 15.72
CA GLU A 82 1.71 1.96 16.89
C GLU A 82 0.83 1.81 18.13
N GLY A 83 1.49 1.73 19.29
CA GLY A 83 0.77 1.62 20.55
C GLY A 83 -0.07 0.38 20.68
N ALA A 84 0.35 -0.73 20.06
CA ALA A 84 -0.37 -1.98 20.15
C ALA A 84 0.10 -2.79 21.36
N PRO A 85 -0.80 -3.19 22.26
CA PRO A 85 -0.40 -4.04 23.39
C PRO A 85 -0.36 -5.50 22.98
N PRO A 86 0.23 -6.38 23.81
CA PRO A 86 0.39 -7.78 23.39
C PRO A 86 -0.92 -8.48 23.05
N LEU A 87 -1.97 -8.28 23.84
CA LEU A 87 -3.23 -8.95 23.57
C LEU A 87 -3.78 -8.55 22.20
N TRP A 88 -3.75 -7.26 21.89
CA TRP A 88 -4.21 -6.79 20.59
C TRP A 88 -3.43 -7.46 19.45
N ALA A 89 -2.10 -7.43 19.53
CA ALA A 89 -1.25 -8.02 18.49
C ALA A 89 -1.51 -9.52 18.35
N ALA A 90 -1.66 -10.22 19.47
CA ALA A 90 -1.96 -11.63 19.40
C ALA A 90 -3.34 -11.89 18.79
N SER A 91 -4.32 -11.03 19.11
CA SER A 91 -5.64 -11.18 18.49
C SER A 91 -5.59 -10.89 16.99
N ALA A 92 -4.88 -9.83 16.60
CA ALA A 92 -4.82 -9.45 15.18
C ALA A 92 -4.15 -10.53 14.35
N ALA A 93 -3.09 -11.14 14.88
CA ALA A 93 -2.35 -12.21 14.23
C ALA A 93 -3.01 -13.58 14.34
N GLY A 94 -4.07 -13.72 15.13
CA GLY A 94 -4.80 -14.97 15.16
C GLY A 94 -4.20 -16.04 16.03
N HIS A 95 -3.45 -15.68 17.08
CA HIS A 95 -2.79 -16.63 17.96
C HIS A 95 -3.69 -16.89 19.16
N LEU A 96 -4.61 -17.84 19.00
CA LEU A 96 -5.66 -18.08 20.00
C LEU A 96 -5.05 -18.48 21.35
N LYS A 97 -4.09 -19.39 21.33
CA LYS A 97 -3.49 -19.87 22.58
C LYS A 97 -2.77 -18.75 23.32
N VAL A 98 -2.13 -17.85 22.57
CA VAL A 98 -1.53 -16.67 23.22
C VAL A 98 -2.61 -15.76 23.77
N VAL A 99 -3.70 -15.56 23.02
CA VAL A 99 -4.82 -14.78 23.51
C VAL A 99 -5.30 -15.32 24.85
N GLN A 100 -5.52 -16.64 24.91
CA GLN A 100 -6.00 -17.25 26.16
C GLN A 100 -4.99 -17.07 27.28
N SER A 101 -3.70 -17.17 26.96
CA SER A 101 -2.67 -17.08 27.99
C SER A 101 -2.58 -15.68 28.56
N LEU A 102 -2.56 -14.65 27.69
CA LEU A 102 -2.49 -13.27 28.18
C LEU A 102 -3.68 -12.94 29.08
N LEU A 103 -4.88 -13.36 28.69
CA LEU A 103 -6.05 -13.08 29.52
C LEU A 103 -5.97 -13.80 30.86
N ASN A 104 -5.39 -15.00 30.89
CA ASN A 104 -5.16 -15.70 32.15
C ASN A 104 -4.26 -14.90 33.07
N HIS A 105 -3.21 -14.30 32.52
CA HIS A 105 -2.31 -13.49 33.33
C HIS A 105 -2.87 -12.09 33.57
N GLY A 106 -4.14 -11.89 33.25
CA GLY A 106 -4.84 -10.68 33.62
C GLY A 106 -4.78 -9.53 32.65
N ALA A 107 -4.43 -9.78 31.38
CA ALA A 107 -4.43 -8.70 30.39
C ALA A 107 -5.81 -8.05 30.28
N SER A 108 -5.81 -6.73 30.06
CA SER A 108 -7.05 -5.97 29.95
C SER A 108 -7.68 -6.17 28.56
N VAL A 109 -8.92 -6.67 28.53
CA VAL A 109 -9.54 -7.11 27.28
C VAL A 109 -9.87 -5.94 26.34
N ASN A 110 -10.05 -4.72 26.85
CA ASN A 110 -10.41 -3.59 26.01
C ASN A 110 -9.27 -2.58 25.80
N ASN A 111 -8.05 -2.89 26.25
CA ASN A 111 -6.91 -1.99 26.00
C ASN A 111 -6.64 -1.91 24.50
N THR A 112 -6.71 -0.70 23.94
CA THR A 112 -6.69 -0.48 22.51
C THR A 112 -5.31 -0.07 22.00
N THR A 113 -5.19 -0.02 20.66
CA THR A 113 -4.10 0.71 20.04
C THR A 113 -4.37 2.21 20.12
N LEU A 114 -3.46 2.99 19.51
CA LEU A 114 -3.59 4.44 19.47
C LEU A 114 -4.82 4.93 18.69
N THR A 115 -5.37 4.15 17.76
CA THR A 115 -6.60 4.55 17.09
C THR A 115 -7.84 4.02 17.79
N ASN A 116 -7.68 3.47 18.99
CA ASN A 116 -8.79 2.97 19.79
C ASN A 116 -9.39 1.71 19.18
N SER A 117 -8.57 0.95 18.46
CA SER A 117 -8.94 -0.39 18.01
C SER A 117 -8.74 -1.40 19.14
N THR A 118 -9.81 -2.06 19.56
CA THR A 118 -9.76 -3.08 20.60
C THR A 118 -9.23 -4.40 20.04
N PRO A 119 -8.80 -5.32 20.91
CA PRO A 119 -8.50 -6.67 20.44
C PRO A 119 -9.65 -7.32 19.69
N LEU A 120 -10.89 -7.09 20.13
CA LEU A 120 -12.03 -7.66 19.43
C LEU A 120 -12.14 -7.11 18.01
N ARG A 121 -11.94 -5.80 17.84
CA ARG A 121 -11.94 -5.24 16.50
C ARG A 121 -10.88 -5.90 15.62
N ALA A 122 -9.68 -6.11 16.16
CA ALA A 122 -8.60 -6.71 15.38
C ALA A 122 -8.96 -8.13 14.96
N ALA A 123 -9.61 -8.88 15.85
CA ALA A 123 -10.03 -10.23 15.50
C ALA A 123 -11.15 -10.21 14.46
N CYS A 124 -12.12 -9.31 14.60
CA CYS A 124 -13.17 -9.20 13.58
C CYS A 124 -12.59 -8.81 12.22
N PHE A 125 -11.58 -7.93 12.21
CA PHE A 125 -11.01 -7.45 10.95
C PHE A 125 -10.44 -8.60 10.13
N ASP A 126 -9.65 -9.45 10.75
CA ASP A 126 -9.00 -10.55 10.05
C ASP A 126 -9.81 -11.83 10.09
N GLY A 127 -11.02 -11.80 10.66
CA GLY A 127 -11.89 -12.95 10.59
C GLY A 127 -11.59 -14.10 11.53
N HIS A 128 -11.04 -13.82 12.71
CA HIS A 128 -10.66 -14.90 13.65
C HIS A 128 -11.83 -15.19 14.57
N LEU A 129 -12.74 -16.06 14.10
CA LEU A 129 -13.99 -16.30 14.80
C LEU A 129 -13.78 -16.86 16.21
N GLU A 130 -12.89 -17.83 16.35
CA GLU A 130 -12.71 -18.43 17.67
C GLU A 130 -12.13 -17.43 18.66
N ILE A 131 -11.29 -16.50 18.20
CA ILE A 131 -10.78 -15.44 19.07
C ILE A 131 -11.89 -14.45 19.41
N VAL A 132 -12.70 -14.05 18.42
CA VAL A 132 -13.83 -13.17 18.67
C VAL A 132 -14.68 -13.72 19.80
N LYS A 133 -14.99 -15.01 19.76
CA LYS A 133 -15.81 -15.61 20.79
C LYS A 133 -15.10 -15.59 22.14
N TYR A 134 -13.82 -15.98 22.16
CA TYR A 134 -13.10 -15.99 23.44
C TYR A 134 -13.06 -14.59 24.06
N LEU A 135 -12.83 -13.56 23.25
CA LEU A 135 -12.79 -12.19 23.78
C LEU A 135 -14.16 -11.77 24.34
N VAL A 136 -15.24 -12.07 23.62
CA VAL A 136 -16.57 -11.69 24.09
C VAL A 136 -16.92 -12.45 25.38
N GLU A 137 -16.55 -13.73 25.45
CA GLU A 137 -16.77 -14.50 26.67
C GLU A 137 -15.93 -13.98 27.82
N HIS A 138 -14.89 -13.20 27.54
CA HIS A 138 -14.08 -12.58 28.59
C HIS A 138 -14.31 -11.08 28.69
N LYS A 139 -15.54 -10.65 28.42
CA LYS A 139 -16.07 -9.32 28.73
C LYS A 139 -15.58 -8.24 27.77
N ALA A 140 -15.17 -8.58 26.55
CA ALA A 140 -14.86 -7.54 25.58
C ALA A 140 -16.10 -6.71 25.31
N ASP A 141 -15.92 -5.40 25.17
CA ASP A 141 -17.05 -4.50 24.94
C ASP A 141 -17.34 -4.43 23.44
N LEU A 142 -18.54 -4.87 23.03
CA LEU A 142 -18.93 -4.89 21.61
C LEU A 142 -19.06 -3.49 21.03
N GLU A 143 -19.25 -2.47 21.86
CA GLU A 143 -19.58 -1.14 21.40
C GLU A 143 -18.43 -0.13 21.51
N VAL A 144 -17.24 -0.56 21.93
CA VAL A 144 -16.10 0.34 21.87
C VAL A 144 -15.64 0.42 20.42
N SER A 145 -15.77 1.60 19.84
CA SER A 145 -15.48 1.82 18.43
C SER A 145 -14.11 2.49 18.29
N ASN A 146 -13.58 2.49 17.07
CA ASN A 146 -12.31 3.14 16.84
C ASN A 146 -12.53 4.66 16.76
N ARG A 147 -11.46 5.41 16.45
CA ARG A 147 -11.54 6.86 16.55
C ARG A 147 -12.43 7.48 15.47
N HIS A 148 -12.72 6.76 14.40
CA HIS A 148 -13.72 7.21 13.44
C HIS A 148 -15.13 6.77 13.80
N GLY A 149 -15.30 6.13 14.95
CA GLY A 149 -16.59 5.59 15.32
C GLY A 149 -17.00 4.34 14.57
N HIS A 150 -16.07 3.66 13.90
CA HIS A 150 -16.37 2.41 13.24
C HIS A 150 -16.36 1.28 14.28
N THR A 151 -17.40 0.44 14.26
CA THR A 151 -17.59 -0.60 15.27
C THR A 151 -17.09 -1.96 14.78
N CYS A 152 -17.07 -2.92 15.70
CA CYS A 152 -16.73 -4.30 15.35
C CYS A 152 -17.76 -4.90 14.39
N LEU A 153 -19.05 -4.58 14.61
CA LEU A 153 -20.07 -5.07 13.70
C LEU A 153 -19.89 -4.47 12.31
N MET A 154 -19.57 -3.17 12.24
CA MET A 154 -19.36 -2.53 10.95
C MET A 154 -18.21 -3.17 10.17
N ILE A 155 -17.07 -3.44 10.83
CA ILE A 155 -15.94 -3.96 10.07
C ILE A 155 -16.20 -5.40 9.66
N SER A 156 -16.90 -6.17 10.50
CA SER A 156 -17.32 -7.52 10.11
C SER A 156 -18.20 -7.50 8.86
N CYS A 157 -19.15 -6.58 8.81
CA CYS A 157 -19.98 -6.46 7.61
C CYS A 157 -19.16 -5.98 6.43
N TYR A 158 -18.28 -5.01 6.64
CA TYR A 158 -17.45 -4.49 5.55
C TYR A 158 -16.57 -5.58 4.94
N LYS A 159 -15.99 -6.44 5.77
CA LYS A 159 -15.14 -7.53 5.30
C LYS A 159 -15.92 -8.78 4.89
N GLY A 160 -17.25 -8.76 4.96
CA GLY A 160 -18.03 -9.92 4.57
C GLY A 160 -17.83 -11.13 5.46
N HIS A 161 -17.60 -10.94 6.77
CA HIS A 161 -17.43 -12.05 7.71
C HIS A 161 -18.79 -12.40 8.30
N LYS A 162 -19.52 -13.29 7.60
CA LYS A 162 -20.90 -13.58 7.97
C LYS A 162 -21.00 -14.21 9.35
N GLU A 163 -20.21 -15.26 9.60
CA GLU A 163 -20.29 -15.95 10.88
C GLU A 163 -19.96 -15.02 12.05
N ILE A 164 -18.97 -14.14 11.88
CA ILE A 164 -18.63 -13.20 12.95
C ILE A 164 -19.76 -12.19 13.15
N ALA A 165 -20.25 -11.59 12.06
CA ALA A 165 -21.40 -10.70 12.15
C ALA A 165 -22.56 -11.38 12.85
N GLN A 166 -22.84 -12.62 12.46
CA GLN A 166 -23.96 -13.34 13.07
C GLN A 166 -23.73 -13.50 14.57
N TYR A 167 -22.51 -13.87 14.97
CA TYR A 167 -22.23 -14.08 16.39
C TYR A 167 -22.33 -12.78 17.17
N LEU A 168 -21.74 -11.70 16.65
CA LEU A 168 -21.84 -10.40 17.31
C LEU A 168 -23.30 -10.01 17.51
N LEU A 169 -24.14 -10.26 16.50
CA LEU A 169 -25.56 -9.96 16.61
C LEU A 169 -26.22 -10.82 17.68
N GLU A 170 -25.91 -12.12 17.70
CA GLU A 170 -26.43 -13.00 18.74
C GLU A 170 -26.02 -12.54 20.12
N LYS A 171 -24.84 -11.93 20.26
CA LYS A 171 -24.42 -11.45 21.56
C LYS A 171 -24.94 -10.06 21.88
N GLY A 172 -25.72 -9.44 21.01
CA GLY A 172 -26.37 -8.19 21.30
C GLY A 172 -25.72 -6.92 20.78
N ALA A 173 -24.94 -7.00 19.71
CA ALA A 173 -24.37 -5.79 19.12
C ALA A 173 -25.48 -4.88 18.63
N ASP A 174 -25.31 -3.57 18.87
CA ASP A 174 -26.29 -2.56 18.47
C ASP A 174 -26.21 -2.38 16.95
N VAL A 175 -27.28 -2.76 16.26
CA VAL A 175 -27.30 -2.77 14.80
C VAL A 175 -27.39 -1.36 14.22
N ASN A 176 -27.77 -0.37 15.03
CA ASN A 176 -28.03 0.97 14.52
C ASN A 176 -26.94 1.97 14.87
N ARG A 177 -25.77 1.53 15.36
CA ARG A 177 -24.67 2.46 15.61
C ARG A 177 -24.31 3.23 14.34
N LYS A 178 -23.92 4.49 14.52
CA LYS A 178 -23.47 5.39 13.46
C LYS A 178 -22.02 5.80 13.72
N SER A 179 -21.19 5.76 12.68
CA SER A 179 -19.84 6.31 12.79
C SER A 179 -19.91 7.82 12.79
N VAL A 180 -18.74 8.45 12.94
CA VAL A 180 -18.67 9.91 12.99
C VAL A 180 -19.23 10.53 11.71
N LYS A 181 -18.95 9.90 10.56
CA LYS A 181 -19.48 10.36 9.28
C LYS A 181 -20.83 9.69 8.94
N GLY A 182 -21.50 9.10 9.93
CA GLY A 182 -22.85 8.60 9.74
C GLY A 182 -22.95 7.23 9.12
N ASN A 183 -21.84 6.52 8.96
CA ASN A 183 -21.86 5.18 8.39
C ASN A 183 -22.52 4.20 9.37
N THR A 184 -23.41 3.33 8.87
CA THR A 184 -23.98 2.24 9.68
C THR A 184 -23.55 0.90 9.09
N ALA A 185 -23.78 -0.17 9.85
CA ALA A 185 -23.43 -1.50 9.35
C ALA A 185 -24.18 -1.84 8.06
N LEU A 186 -25.39 -1.30 7.86
CA LEU A 186 -26.08 -1.50 6.59
C LEU A 186 -25.34 -0.85 5.42
N HIS A 187 -24.68 0.30 5.64
CA HIS A 187 -23.86 0.90 4.59
C HIS A 187 -22.64 0.02 4.28
N ASP A 188 -22.01 -0.54 5.32
CA ASP A 188 -20.90 -1.47 5.11
C ASP A 188 -21.31 -2.66 4.24
N CYS A 189 -22.50 -3.23 4.49
CA CYS A 189 -22.97 -4.31 3.63
C CYS A 189 -23.18 -3.81 2.21
N ALA A 190 -23.77 -2.63 2.05
CA ALA A 190 -24.04 -2.12 0.71
C ALA A 190 -22.75 -1.81 -0.03
N GLU A 191 -21.73 -1.30 0.70
CA GLU A 191 -20.46 -0.96 0.06
C GLU A 191 -19.64 -2.20 -0.27
N SER A 192 -19.84 -3.31 0.43
CA SER A 192 -19.11 -4.52 0.12
C SER A 192 -19.92 -5.52 -0.69
N GLY A 193 -21.20 -5.23 -0.98
CA GLY A 193 -22.03 -6.18 -1.68
C GLY A 193 -22.37 -7.44 -0.89
N SER A 194 -22.40 -7.35 0.44
CA SER A 194 -22.65 -8.50 1.32
C SER A 194 -24.15 -8.62 1.57
N LEU A 195 -24.84 -9.26 0.61
CA LEU A 195 -26.30 -9.33 0.67
C LEU A 195 -26.80 -10.21 1.81
N ASP A 196 -26.16 -11.36 2.03
CA ASP A 196 -26.60 -12.22 3.12
C ASP A 196 -26.49 -11.53 4.46
N ILE A 197 -25.41 -10.76 4.67
CA ILE A 197 -25.25 -10.05 5.91
C ILE A 197 -26.29 -8.93 6.03
N MET A 198 -26.53 -8.22 4.94
CA MET A 198 -27.61 -7.21 4.96
C MET A 198 -28.93 -7.83 5.41
N LYS A 199 -29.26 -9.01 4.89
CA LYS A 199 -30.52 -9.65 5.28
C LYS A 199 -30.50 -10.02 6.76
N MET A 200 -29.35 -10.45 7.26
CA MET A 200 -29.21 -10.76 8.67
C MET A 200 -29.42 -9.51 9.52
N LEU A 201 -28.86 -8.37 9.08
CA LEU A 201 -29.07 -7.11 9.80
C LEU A 201 -30.55 -6.73 9.83
N LEU A 202 -31.26 -6.93 8.73
CA LEU A 202 -32.67 -6.57 8.67
C LEU A 202 -33.52 -7.52 9.52
N MET A 203 -33.04 -8.73 9.81
CA MET A 203 -33.69 -9.58 10.81
C MET A 203 -33.72 -8.94 12.18
N TYR A 204 -32.78 -8.01 12.45
CA TYR A 204 -32.80 -7.23 13.67
C TYR A 204 -33.42 -5.86 13.44
N CYS A 205 -34.12 -5.69 12.33
CA CYS A 205 -34.80 -4.43 12.01
C CYS A 205 -33.83 -3.25 12.01
N ALA A 206 -32.61 -3.44 11.48
CA ALA A 206 -31.71 -2.31 11.30
C ALA A 206 -32.38 -1.26 10.43
N LYS A 207 -32.21 0.01 10.78
CA LYS A 207 -32.89 1.09 10.09
C LYS A 207 -32.01 1.64 8.97
N MET A 208 -32.61 1.82 7.79
CA MET A 208 -31.94 2.43 6.66
C MET A 208 -31.95 3.94 6.87
N GLU A 209 -30.76 4.54 6.89
CA GLU A 209 -30.57 5.94 7.23
C GLU A 209 -29.60 6.57 6.24
N LYS A 210 -29.65 7.89 6.15
CA LYS A 210 -28.66 8.63 5.39
C LYS A 210 -27.39 8.81 6.21
N ASP A 211 -26.24 8.61 5.56
CA ASP A 211 -24.96 8.90 6.20
C ASP A 211 -24.63 10.38 6.03
N GLY A 212 -23.41 10.76 6.41
CA GLY A 212 -23.02 12.17 6.34
C GLY A 212 -22.97 12.74 4.94
N TYR A 213 -22.82 11.92 3.91
CA TYR A 213 -22.91 12.39 2.54
C TYR A 213 -24.34 12.42 2.02
N GLY A 214 -25.33 12.12 2.85
CA GLY A 214 -26.71 12.03 2.42
C GLY A 214 -27.09 10.72 1.78
N MET A 215 -26.29 9.67 1.98
CA MET A 215 -26.42 8.42 1.26
C MET A 215 -27.12 7.37 2.13
N THR A 216 -28.21 6.79 1.59
CA THR A 216 -28.77 5.58 2.19
C THR A 216 -27.95 4.38 1.78
N PRO A 217 -28.12 3.24 2.47
CA PRO A 217 -27.50 2.00 1.98
C PRO A 217 -27.84 1.71 0.53
N LEU A 218 -29.08 1.96 0.11
CA LEU A 218 -29.46 1.77 -1.29
C LEU A 218 -28.58 2.61 -2.21
N LEU A 219 -28.46 3.91 -1.92
CA LEU A 219 -27.63 4.78 -2.77
C LEU A 219 -26.16 4.39 -2.70
N SER A 220 -25.67 4.00 -1.51
CA SER A 220 -24.27 3.56 -1.41
C SER A 220 -24.02 2.40 -2.36
N ALA A 221 -24.99 1.48 -2.46
CA ALA A 221 -24.83 0.33 -3.37
C ALA A 221 -24.83 0.78 -4.83
N SER A 222 -25.66 1.78 -5.15
CA SER A 222 -25.72 2.31 -6.50
C SER A 222 -24.41 3.01 -6.88
N VAL A 223 -23.85 3.75 -5.92
CA VAL A 223 -22.57 4.43 -6.14
C VAL A 223 -21.45 3.43 -6.37
N THR A 224 -21.39 2.39 -5.54
CA THR A 224 -20.28 1.47 -5.70
C THR A 224 -20.54 0.42 -6.78
N GLY A 225 -21.79 0.25 -7.20
CA GLY A 225 -22.10 -0.64 -8.31
C GLY A 225 -22.43 -2.06 -7.92
N HIS A 226 -22.89 -2.30 -6.72
CA HIS A 226 -23.26 -3.66 -6.32
C HIS A 226 -24.71 -3.90 -6.69
N THR A 227 -24.94 -4.49 -7.84
CA THR A 227 -26.29 -4.72 -8.35
C THR A 227 -27.09 -5.70 -7.49
N ASN A 228 -26.42 -6.63 -6.80
CA ASN A 228 -27.17 -7.55 -5.95
C ASN A 228 -27.87 -6.80 -4.82
N ILE A 229 -27.22 -5.79 -4.23
CA ILE A 229 -27.83 -5.00 -3.17
C ILE A 229 -28.92 -4.10 -3.74
N VAL A 230 -28.65 -3.47 -4.89
CA VAL A 230 -29.65 -2.58 -5.46
C VAL A 230 -30.90 -3.36 -5.86
N ASP A 231 -30.72 -4.54 -6.47
CA ASP A 231 -31.87 -5.36 -6.85
C ASP A 231 -32.71 -5.74 -5.63
N PHE A 232 -32.03 -6.13 -4.54
CA PHE A 232 -32.74 -6.53 -3.32
C PHE A 232 -33.50 -5.36 -2.72
N LEU A 233 -32.84 -4.22 -2.57
CA LEU A 233 -33.46 -3.11 -1.85
C LEU A 233 -34.50 -2.38 -2.69
N THR A 234 -34.38 -2.39 -4.01
CA THR A 234 -35.47 -1.81 -4.80
C THR A 234 -36.73 -2.67 -4.82
N HIS A 235 -36.74 -3.86 -4.22
CA HIS A 235 -37.97 -4.61 -3.96
C HIS A 235 -38.27 -4.71 -2.48
N HIS A 236 -37.72 -3.81 -1.67
CA HIS A 236 -37.93 -3.81 -0.23
C HIS A 236 -38.91 -2.70 0.11
N ALA A 237 -39.94 -3.01 0.90
CA ALA A 237 -41.02 -2.04 1.11
C ALA A 237 -40.54 -0.76 1.78
N GLN A 238 -39.36 -0.78 2.40
CA GLN A 238 -38.87 0.43 3.06
C GLN A 238 -38.33 1.47 2.10
N THR A 239 -38.17 1.16 0.82
CA THR A 239 -37.72 2.15 -0.15
C THR A 239 -38.91 2.61 -0.98
N SER A 240 -39.10 3.93 -1.06
CA SER A 240 -40.20 4.51 -1.83
C SER A 240 -39.92 4.41 -3.33
N LYS A 241 -40.97 4.63 -4.12
CA LYS A 241 -40.85 4.57 -5.58
C LYS A 241 -39.81 5.55 -6.11
N THR A 242 -39.81 6.79 -5.60
CA THR A 242 -38.86 7.78 -6.07
C THR A 242 -37.43 7.39 -5.68
N GLU A 243 -37.26 6.80 -4.49
CA GLU A 243 -35.94 6.32 -4.09
C GLU A 243 -35.48 5.19 -5.00
N ARG A 244 -36.41 4.32 -5.40
CA ARG A 244 -36.06 3.23 -6.31
C ARG A 244 -35.64 3.75 -7.66
N ILE A 245 -36.39 4.72 -8.20
CA ILE A 245 -36.06 5.26 -9.52
C ILE A 245 -34.68 5.90 -9.50
N ASN A 246 -34.41 6.73 -8.48
CA ASN A 246 -33.14 7.43 -8.41
C ASN A 246 -31.98 6.45 -8.24
N ALA A 247 -32.19 5.40 -7.43
CA ALA A 247 -31.13 4.42 -7.24
C ALA A 247 -30.82 3.67 -8.53
N LEU A 248 -31.85 3.32 -9.30
CA LEU A 248 -31.62 2.67 -10.60
C LEU A 248 -30.92 3.61 -11.58
N GLU A 249 -31.32 4.88 -11.61
CA GLU A 249 -30.69 5.82 -12.55
C GLU A 249 -29.24 6.08 -12.15
N LEU A 250 -28.98 6.28 -10.84
CA LEU A 250 -27.59 6.45 -10.39
C LEU A 250 -26.76 5.20 -10.67
N LEU A 251 -27.32 4.01 -10.44
CA LEU A 251 -26.62 2.78 -10.78
C LEU A 251 -26.27 2.74 -12.26
N GLY A 252 -27.20 3.14 -13.12
CA GLY A 252 -26.88 3.26 -14.53
C GLY A 252 -25.69 4.17 -14.79
N ALA A 253 -25.66 5.32 -14.11
CA ALA A 253 -24.52 6.24 -14.29
C ALA A 253 -23.22 5.58 -13.87
N THR A 254 -23.26 4.81 -12.78
CA THR A 254 -22.11 4.03 -12.35
C THR A 254 -21.67 3.03 -13.41
N PHE A 255 -22.64 2.40 -14.09
CA PHE A 255 -22.30 1.49 -15.19
C PHE A 255 -21.57 2.23 -16.31
N VAL A 256 -22.01 3.45 -16.62
CA VAL A 256 -21.36 4.24 -17.68
C VAL A 256 -19.91 4.53 -17.31
N ASP A 257 -19.71 5.15 -16.13
CA ASP A 257 -18.44 5.78 -15.80
C ASP A 257 -17.47 4.83 -15.10
N LYS A 258 -17.95 4.04 -14.15
CA LYS A 258 -17.05 3.14 -13.44
C LYS A 258 -16.89 1.79 -14.14
N LYS A 259 -17.97 1.20 -14.64
CA LYS A 259 -17.93 -0.10 -15.28
C LYS A 259 -17.71 -0.03 -16.79
N ARG A 260 -17.82 1.16 -17.38
CA ARG A 260 -17.68 1.37 -18.83
C ARG A 260 -18.56 0.40 -19.61
N ASP A 261 -19.83 0.33 -19.20
CA ASP A 261 -20.76 -0.68 -19.69
C ASP A 261 -22.06 0.03 -20.06
N LEU A 262 -22.13 0.50 -21.32
CA LEU A 262 -23.25 1.30 -21.78
C LEU A 262 -24.51 0.46 -21.93
N LEU A 263 -24.38 -0.81 -22.32
CA LEU A 263 -25.55 -1.67 -22.42
C LEU A 263 -26.17 -1.92 -21.06
N GLY A 264 -25.34 -2.16 -20.04
CA GLY A 264 -25.85 -2.35 -18.69
C GLY A 264 -26.49 -1.10 -18.13
N ALA A 265 -25.91 0.07 -18.43
CA ALA A 265 -26.50 1.33 -17.99
C ALA A 265 -27.89 1.50 -18.57
N LEU A 266 -28.05 1.20 -19.86
CA LEU A 266 -29.35 1.40 -20.51
C LEU A 266 -30.42 0.51 -19.89
N LYS A 267 -30.06 -0.71 -19.51
CA LYS A 267 -31.01 -1.60 -18.86
C LYS A 267 -31.60 -0.97 -17.60
N TYR A 268 -30.74 -0.35 -16.78
CA TYR A 268 -31.24 0.24 -15.55
C TYR A 268 -31.95 1.56 -15.79
N TRP A 269 -31.53 2.34 -16.79
CA TRP A 269 -32.24 3.58 -17.12
C TRP A 269 -33.64 3.27 -17.66
N LYS A 270 -33.79 2.21 -18.46
CA LYS A 270 -35.10 1.84 -18.96
C LYS A 270 -36.00 1.34 -17.83
N LYS A 271 -35.44 0.53 -16.93
CA LYS A 271 -36.21 0.07 -15.77
C LYS A 271 -36.73 1.25 -14.96
N ALA A 272 -35.88 2.25 -14.73
CA ALA A 272 -36.29 3.42 -13.97
C ALA A 272 -37.32 4.25 -14.75
N MET A 273 -37.13 4.38 -16.06
CA MET A 273 -38.05 5.16 -16.87
C MET A 273 -39.43 4.48 -16.92
N ASN A 274 -39.46 3.15 -17.02
CA ASN A 274 -40.74 2.45 -16.95
C ASN A 274 -41.46 2.77 -15.64
N MET A 275 -40.72 2.77 -14.53
CA MET A 275 -41.34 3.11 -13.26
C MET A 275 -41.81 4.55 -13.22
N ARG A 276 -41.04 5.48 -13.80
CA ARG A 276 -41.49 6.88 -13.81
C ARG A 276 -42.87 7.01 -14.44
N TYR A 277 -43.18 6.16 -15.43
CA TYR A 277 -44.41 6.28 -16.19
C TYR A 277 -45.40 5.16 -15.92
N SER A 278 -45.19 4.35 -14.89
CA SER A 278 -46.06 3.20 -14.68
C SER A 278 -47.48 3.64 -14.32
N ASP A 279 -47.61 4.63 -13.43
CA ASP A 279 -48.92 5.18 -13.07
C ASP A 279 -49.20 6.36 -13.99
N ARG A 280 -50.07 6.14 -14.98
CA ARG A 280 -50.39 7.19 -15.95
C ARG A 280 -51.02 8.41 -15.28
N THR A 281 -51.54 8.27 -14.07
CA THR A 281 -52.14 9.39 -13.35
C THR A 281 -51.17 10.09 -12.40
N ASN A 282 -50.02 9.47 -12.04
CA ASN A 282 -49.01 10.13 -11.21
C ASN A 282 -47.63 9.87 -11.84
N ILE A 283 -47.27 10.70 -12.81
CA ILE A 283 -46.01 10.54 -13.52
C ILE A 283 -44.90 11.20 -12.71
N ILE A 284 -43.85 10.45 -12.43
CA ILE A 284 -42.66 11.00 -11.80
C ILE A 284 -41.77 11.54 -12.91
N SER A 285 -41.85 12.84 -13.17
CA SER A 285 -41.04 13.43 -14.22
C SER A 285 -39.66 13.84 -13.70
N LYS A 286 -38.70 13.94 -14.61
CA LYS A 286 -37.35 14.36 -14.23
C LYS A 286 -37.39 15.76 -13.63
N PRO A 287 -36.72 16.00 -12.51
CA PRO A 287 -36.55 17.38 -12.04
C PRO A 287 -35.70 18.17 -13.02
N VAL A 288 -35.94 19.47 -13.08
CA VAL A 288 -35.23 20.38 -13.99
C VAL A 288 -34.18 21.11 -13.19
N PRO A 289 -32.90 21.04 -13.57
CA PRO A 289 -31.86 21.74 -12.81
C PRO A 289 -31.95 23.25 -13.01
N GLN A 290 -31.15 23.98 -12.21
CA GLN A 290 -31.20 25.43 -12.20
C GLN A 290 -30.77 26.03 -13.54
N THR A 291 -29.73 25.46 -14.17
CA THR A 291 -29.17 26.02 -15.39
C THR A 291 -28.56 24.90 -16.22
N LEU A 292 -28.45 25.14 -17.52
CA LEU A 292 -27.64 24.31 -18.40
C LEU A 292 -26.16 24.55 -18.12
N ILE A 293 -25.34 23.53 -18.38
CA ILE A 293 -23.93 23.49 -17.96
C ILE A 293 -23.06 23.28 -19.19
N MET A 294 -22.17 24.25 -19.44
CA MET A 294 -21.29 24.15 -20.62
C MET A 294 -20.49 22.86 -20.62
N ALA A 295 -19.90 22.50 -19.47
CA ALA A 295 -19.11 21.27 -19.36
C ALA A 295 -19.91 20.02 -19.72
N TYR A 296 -21.22 20.05 -19.51
CA TYR A 296 -22.08 18.93 -19.89
C TYR A 296 -22.58 19.05 -21.32
N ASP A 297 -22.01 19.97 -22.11
CA ASP A 297 -22.46 20.19 -23.49
C ASP A 297 -23.91 20.68 -23.51
N TYR A 298 -24.31 21.33 -22.44
CA TYR A 298 -25.67 21.88 -22.29
C TYR A 298 -26.73 20.80 -22.45
N ALA A 299 -26.42 19.57 -22.09
CA ALA A 299 -27.40 18.48 -22.23
C ALA A 299 -28.50 18.61 -21.18
N LYS A 300 -29.55 17.83 -21.35
CA LYS A 300 -30.58 17.69 -20.34
C LYS A 300 -31.03 16.23 -20.31
N GLU A 301 -31.46 15.78 -19.14
CA GLU A 301 -31.77 14.37 -18.97
C GLU A 301 -32.95 13.97 -19.84
N VAL A 302 -32.89 12.74 -20.38
CA VAL A 302 -34.02 12.19 -21.12
C VAL A 302 -35.22 12.10 -20.19
N ASN A 303 -36.42 12.32 -20.75
CA ASN A 303 -37.61 12.40 -19.92
C ASN A 303 -38.74 11.51 -20.46
N SER A 304 -38.42 10.57 -21.34
CA SER A 304 -39.42 9.60 -21.77
C SER A 304 -38.71 8.35 -22.27
N ALA A 305 -39.49 7.28 -22.43
CA ALA A 305 -38.94 6.03 -22.95
C ALA A 305 -38.49 6.16 -24.39
N GLU A 306 -39.11 7.07 -25.15
CA GLU A 306 -38.69 7.28 -26.54
C GLU A 306 -37.31 7.91 -26.61
N GLU A 307 -37.03 8.91 -25.76
CA GLU A 307 -35.70 9.51 -25.74
C GLU A 307 -34.62 8.53 -25.30
N LEU A 308 -34.98 7.46 -24.60
CA LEU A 308 -33.99 6.46 -24.22
C LEU A 308 -33.64 5.53 -25.37
N GLU A 309 -34.58 5.32 -26.31
CA GLU A 309 -34.41 4.31 -27.34
C GLU A 309 -33.28 4.67 -28.28
N GLY A 310 -33.16 5.95 -28.63
CA GLY A 310 -32.03 6.38 -29.43
C GLY A 310 -30.90 6.90 -28.60
N LEU A 311 -30.33 6.04 -27.74
CA LEU A 311 -29.21 6.43 -26.88
C LEU A 311 -27.97 5.58 -27.05
N ILE A 312 -28.09 4.29 -27.39
CA ILE A 312 -26.91 3.43 -27.38
C ILE A 312 -25.96 3.76 -28.53
N ALA A 313 -26.50 4.20 -29.67
CA ALA A 313 -25.66 4.62 -30.78
C ALA A 313 -25.03 5.99 -30.56
N ASP A 314 -25.30 6.63 -29.42
CA ASP A 314 -24.77 7.95 -29.10
C ASP A 314 -24.06 7.88 -27.75
N PRO A 315 -22.86 7.28 -27.72
CA PRO A 315 -22.17 7.11 -26.42
C PRO A 315 -21.85 8.43 -25.75
N ASP A 316 -21.60 9.47 -26.53
CA ASP A 316 -21.33 10.77 -25.93
C ASP A 316 -22.54 11.33 -25.19
N GLU A 317 -23.74 11.16 -25.75
CA GLU A 317 -24.94 11.56 -25.01
C GLU A 317 -25.06 10.77 -23.71
N MET A 318 -24.78 9.47 -23.76
CA MET A 318 -24.88 8.66 -22.55
C MET A 318 -23.92 9.15 -21.48
N ARG A 319 -22.71 9.54 -21.88
CA ARG A 319 -21.75 10.03 -20.89
C ARG A 319 -22.21 11.34 -20.27
N MET A 320 -22.88 12.20 -21.04
CA MET A 320 -23.42 13.43 -20.47
C MET A 320 -24.62 13.15 -19.57
N GLN A 321 -25.47 12.19 -19.95
CA GLN A 321 -26.57 11.79 -19.05
C GLN A 321 -26.03 11.34 -17.71
N ALA A 322 -24.99 10.49 -17.72
CA ALA A 322 -24.45 9.98 -16.47
C ALA A 322 -23.99 11.13 -15.57
N LEU A 323 -23.36 12.15 -16.16
CA LEU A 323 -22.92 13.31 -15.39
C LEU A 323 -24.12 14.10 -14.85
N LEU A 324 -25.15 14.35 -15.68
CA LEU A 324 -26.36 15.01 -15.21
C LEU A 324 -26.99 14.24 -14.05
N ILE A 325 -27.12 12.92 -14.20
CA ILE A 325 -27.75 12.10 -13.17
C ILE A 325 -26.96 12.18 -11.87
N ARG A 326 -25.64 12.05 -11.95
CA ARG A 326 -24.86 12.01 -10.71
C ARG A 326 -24.96 13.35 -9.97
N GLU A 327 -24.86 14.47 -10.69
CA GLU A 327 -24.96 15.74 -10.00
C GLU A 327 -26.34 15.94 -9.39
N ARG A 328 -27.38 15.49 -10.08
CA ARG A 328 -28.73 15.61 -9.54
C ARG A 328 -28.86 14.83 -8.24
N ILE A 329 -28.38 13.58 -8.24
CA ILE A 329 -28.68 12.66 -7.14
C ILE A 329 -27.67 12.76 -6.01
N LEU A 330 -26.37 12.79 -6.32
CA LEU A 330 -25.36 12.91 -5.26
C LEU A 330 -25.16 14.36 -4.84
N GLY A 331 -25.26 15.31 -5.76
CA GLY A 331 -25.09 16.70 -5.42
C GLY A 331 -23.65 17.15 -5.52
N PRO A 332 -23.43 18.46 -5.49
CA PRO A 332 -22.08 19.00 -5.73
C PRO A 332 -21.10 18.74 -4.60
N SER A 333 -21.55 18.44 -3.38
CA SER A 333 -20.62 18.26 -2.28
C SER A 333 -20.32 16.80 -1.99
N HIS A 334 -20.75 15.87 -2.86
CA HIS A 334 -20.31 14.49 -2.79
C HIS A 334 -19.02 14.31 -3.58
N PRO A 335 -17.96 13.76 -2.99
CA PRO A 335 -16.68 13.65 -3.71
C PRO A 335 -16.75 12.86 -5.01
N ASP A 336 -17.71 11.94 -5.18
CA ASP A 336 -17.78 11.23 -6.45
C ASP A 336 -18.19 12.13 -7.60
N THR A 337 -18.89 13.23 -7.32
CA THR A 337 -19.41 14.06 -8.40
C THR A 337 -18.27 14.73 -9.15
N SER A 338 -17.43 15.49 -8.44
CA SER A 338 -16.28 16.11 -9.10
C SER A 338 -15.30 15.05 -9.60
N TYR A 339 -15.17 13.93 -8.88
CA TYR A 339 -14.26 12.87 -9.33
C TYR A 339 -14.59 12.40 -10.73
N TYR A 340 -15.87 12.08 -10.99
CA TYR A 340 -16.24 11.50 -12.27
C TYR A 340 -16.30 12.55 -13.37
N ILE A 341 -16.59 13.81 -13.04
CA ILE A 341 -16.39 14.90 -14.00
C ILE A 341 -14.94 14.94 -14.47
N ARG A 342 -13.99 14.86 -13.52
CA ARG A 342 -12.57 14.90 -13.89
C ARG A 342 -12.18 13.67 -14.69
N TYR A 343 -12.72 12.50 -14.32
CA TYR A 343 -12.44 11.27 -15.05
C TYR A 343 -12.95 11.38 -16.48
N ARG A 344 -14.17 11.90 -16.67
CA ARG A 344 -14.68 12.08 -18.02
C ARG A 344 -13.80 13.06 -18.81
N GLY A 345 -13.36 14.13 -18.16
CA GLY A 345 -12.44 15.06 -18.82
C GLY A 345 -11.17 14.37 -19.28
N ALA A 346 -10.62 13.51 -18.41
CA ALA A 346 -9.38 12.81 -18.74
C ALA A 346 -9.57 11.90 -19.94
N VAL A 347 -10.75 11.28 -20.06
CA VAL A 347 -11.03 10.44 -21.22
C VAL A 347 -11.08 11.27 -22.49
N TYR A 348 -11.68 12.47 -22.42
CA TYR A 348 -11.69 13.34 -23.60
C TYR A 348 -10.29 13.84 -23.93
N ALA A 349 -9.46 14.10 -22.92
CA ALA A 349 -8.08 14.49 -23.22
C ALA A 349 -7.38 13.36 -23.96
N ASP A 350 -7.57 12.12 -23.50
CA ASP A 350 -6.92 10.98 -24.13
C ASP A 350 -7.36 10.80 -25.58
N SER A 351 -8.60 11.17 -25.92
CA SER A 351 -9.06 11.09 -27.30
C SER A 351 -8.83 12.39 -28.08
N GLY A 352 -8.06 13.32 -27.52
CA GLY A 352 -7.69 14.53 -28.24
C GLY A 352 -8.68 15.69 -28.16
N ASN A 353 -9.73 15.58 -27.34
CA ASN A 353 -10.74 16.63 -27.20
C ASN A 353 -10.38 17.47 -25.98
N PHE A 354 -9.39 18.35 -26.17
CA PHE A 354 -8.82 19.07 -25.03
C PHE A 354 -9.72 20.20 -24.54
N LYS A 355 -10.52 20.79 -25.43
CA LYS A 355 -11.48 21.82 -25.01
C LYS A 355 -12.56 21.23 -24.11
N ARG A 356 -13.16 20.11 -24.53
CA ARG A 356 -14.10 19.42 -23.66
C ARG A 356 -13.44 19.05 -22.34
N CYS A 357 -12.22 18.52 -22.40
CA CYS A 357 -11.49 18.17 -21.18
C CYS A 357 -11.37 19.37 -20.25
N ILE A 358 -10.89 20.50 -20.77
CA ILE A 358 -10.61 21.66 -19.93
C ILE A 358 -11.90 22.21 -19.31
N ASN A 359 -12.98 22.28 -20.09
CA ASN A 359 -14.24 22.77 -19.52
C ASN A 359 -14.75 21.85 -18.40
N LEU A 360 -14.63 20.54 -18.57
CA LEU A 360 -14.98 19.62 -17.49
C LEU A 360 -14.10 19.83 -16.26
N TRP A 361 -12.78 19.95 -16.47
CA TRP A 361 -11.88 20.16 -15.33
C TRP A 361 -12.14 21.50 -14.66
N LYS A 362 -12.41 22.54 -15.45
CA LYS A 362 -12.77 23.84 -14.89
C LYS A 362 -14.03 23.75 -14.02
N TYR A 363 -15.06 23.07 -14.53
CA TYR A 363 -16.31 22.92 -13.79
C TYR A 363 -16.08 22.17 -12.48
N ALA A 364 -15.32 21.07 -12.53
CA ALA A 364 -15.05 20.30 -11.33
C ALA A 364 -14.32 21.12 -10.28
N LEU A 365 -13.35 21.94 -10.69
CA LEU A 365 -12.63 22.78 -9.74
C LEU A 365 -13.55 23.85 -9.15
N ASP A 366 -14.32 24.53 -10.00
CA ASP A 366 -15.32 25.48 -9.49
C ASP A 366 -16.27 24.81 -8.52
N MET A 367 -16.75 23.61 -8.85
CA MET A 367 -17.64 22.89 -7.95
C MET A 367 -16.96 22.63 -6.61
N GLN A 368 -15.76 22.04 -6.65
CA GLN A 368 -15.00 21.75 -5.44
C GLN A 368 -14.76 23.00 -4.59
N GLN A 369 -14.44 24.13 -5.23
CA GLN A 369 -14.13 25.33 -4.45
C GLN A 369 -15.38 25.95 -3.84
N SER A 370 -16.55 25.75 -4.46
CA SER A 370 -17.79 26.34 -3.99
C SER A 370 -18.44 25.57 -2.85
N ASN A 371 -18.00 24.35 -2.57
CA ASN A 371 -18.58 23.50 -1.52
C ASN A 371 -17.41 23.00 -0.68
N LEU A 372 -17.02 23.79 0.34
CA LEU A 372 -15.75 23.53 0.99
C LEU A 372 -15.83 23.40 2.50
N ASP A 373 -16.70 24.15 3.16
CA ASP A 373 -16.81 24.14 4.63
C ASP A 373 -15.48 24.44 5.33
N LEU A 384 -8.93 14.18 -3.30
CA LEU A 384 -8.48 13.40 -4.45
C LEU A 384 -7.96 14.30 -5.56
N SER A 385 -6.81 14.93 -5.36
CA SER A 385 -6.28 15.85 -6.34
C SER A 385 -5.58 15.10 -7.48
N PHE A 386 -5.26 15.84 -8.54
CA PHE A 386 -4.47 15.27 -9.64
C PHE A 386 -3.10 14.80 -9.15
N ALA A 387 -2.46 15.59 -8.30
CA ALA A 387 -1.11 15.23 -7.85
C ALA A 387 -1.15 13.98 -6.97
N GLU A 388 -2.14 13.90 -6.07
CA GLU A 388 -2.27 12.72 -5.23
C GLU A 388 -2.64 11.49 -6.05
N LEU A 389 -3.49 11.66 -7.06
CA LEU A 389 -3.83 10.53 -7.92
C LEU A 389 -2.62 10.05 -8.70
N PHE A 390 -1.85 10.98 -9.25
CA PHE A 390 -0.67 10.61 -10.01
C PHE A 390 0.35 9.88 -9.14
N SER A 391 0.66 10.44 -7.97
CA SER A 391 1.67 9.80 -7.13
C SER A 391 1.19 8.47 -6.59
N PHE A 392 -0.10 8.35 -6.28
CA PHE A 392 -0.62 7.07 -5.80
C PHE A 392 -0.53 6.01 -6.89
N MET A 393 -0.82 6.38 -8.14
CA MET A 393 -0.80 5.43 -9.26
C MET A 393 0.58 4.81 -9.43
N LEU A 394 1.60 5.63 -9.67
CA LEU A 394 2.95 5.12 -9.91
C LEU A 394 3.75 4.91 -8.63
N GLN A 395 3.10 4.91 -7.46
CA GLN A 395 3.80 4.67 -6.22
C GLN A 395 4.61 3.39 -6.34
N ASP A 396 5.78 3.38 -5.70
CA ASP A 396 6.80 2.38 -6.01
C ASP A 396 6.34 1.01 -5.49
N ARG A 397 5.48 0.39 -6.28
CA ARG A 397 5.08 -1.01 -6.07
C ARG A 397 6.23 -1.88 -6.58
N ALA A 398 7.24 -2.06 -5.72
CA ALA A 398 8.51 -2.69 -6.09
C ALA A 398 8.29 -4.19 -6.29
N LYS A 399 7.71 -4.52 -7.44
CA LYS A 399 7.36 -5.91 -7.75
C LYS A 399 8.60 -6.70 -8.12
N GLY A 400 8.79 -7.84 -7.46
CA GLY A 400 9.94 -8.68 -7.69
C GLY A 400 11.18 -8.34 -6.88
N LEU A 401 11.15 -7.26 -6.10
CA LEU A 401 12.33 -6.89 -5.30
C LEU A 401 12.63 -7.94 -4.24
N LEU A 402 11.59 -8.46 -3.57
CA LEU A 402 11.80 -9.56 -2.65
C LEU A 402 12.06 -10.86 -3.41
N GLY A 403 11.22 -11.16 -4.40
CA GLY A 403 11.30 -12.40 -5.14
C GLY A 403 10.12 -12.65 -6.06
N THR B 5 -8.74 -31.14 -0.03
CA THR B 5 -8.68 -29.74 -0.44
C THR B 5 -8.81 -28.82 0.77
N ALA B 6 -9.89 -28.96 1.52
CA ALA B 6 -10.07 -28.15 2.73
C ALA B 6 -8.99 -28.46 3.78
N VAL B 7 -8.32 -29.60 3.67
CA VAL B 7 -7.20 -29.91 4.54
C VAL B 7 -6.11 -28.84 4.43
N PHE B 8 -5.92 -28.31 3.21
CA PHE B 8 -5.01 -27.19 3.00
C PHE B 8 -5.28 -26.06 3.97
N ASN B 9 -6.56 -25.69 4.13
CA ASN B 9 -6.87 -24.54 4.97
C ASN B 9 -6.59 -24.81 6.44
N ALA B 10 -6.51 -26.08 6.85
CA ALA B 10 -6.08 -26.38 8.22
C ALA B 10 -4.60 -26.09 8.40
N ALA B 11 -3.79 -26.36 7.38
CA ALA B 11 -2.36 -26.10 7.46
C ALA B 11 -2.06 -24.60 7.44
N ARG B 12 -2.73 -23.85 6.57
CA ARG B 12 -2.51 -22.41 6.48
C ARG B 12 -2.70 -21.72 7.82
N ASP B 13 -3.52 -22.30 8.70
CA ASP B 13 -3.96 -21.62 9.91
C ASP B 13 -3.40 -22.19 11.21
N GLY B 14 -2.61 -23.27 11.16
CA GLY B 14 -2.13 -23.88 12.39
C GLY B 14 -2.84 -25.18 12.69
N LYS B 15 -3.79 -25.17 13.61
CA LYS B 15 -4.85 -26.19 13.76
C LYS B 15 -4.32 -27.61 13.54
N LEU B 16 -3.39 -28.03 14.41
CA LEU B 16 -2.89 -29.39 14.31
C LEU B 16 -3.93 -30.40 14.79
N ARG B 17 -4.75 -30.02 15.78
CA ARG B 17 -5.86 -30.88 16.17
C ARG B 17 -6.87 -31.02 15.04
N LEU B 18 -7.38 -29.89 14.54
CA LEU B 18 -8.41 -29.92 13.49
C LEU B 18 -7.94 -30.61 12.23
N LEU B 19 -6.62 -30.68 11.99
CA LEU B 19 -6.07 -31.31 10.79
C LEU B 19 -5.87 -32.80 10.97
N THR B 20 -5.37 -33.22 12.15
CA THR B 20 -5.16 -34.64 12.40
C THR B 20 -6.45 -35.45 12.25
N LYS B 21 -7.61 -34.82 12.47
CA LYS B 21 -8.88 -35.51 12.33
C LYS B 21 -9.03 -36.11 10.94
N LEU B 22 -8.51 -35.41 9.91
CA LEU B 22 -8.61 -35.91 8.55
C LEU B 22 -7.72 -37.10 8.29
N LEU B 23 -6.79 -37.43 9.18
CA LEU B 23 -5.89 -38.57 8.99
C LEU B 23 -6.65 -39.89 9.16
N SER B 27 -5.76 -43.10 6.31
CA SER B 27 -5.35 -43.43 4.95
C SER B 27 -3.84 -43.28 4.80
N LYS B 28 -3.17 -44.36 4.39
CA LYS B 28 -1.71 -44.37 4.41
C LYS B 28 -1.13 -43.52 3.28
N GLU B 29 -1.53 -43.77 2.03
CA GLU B 29 -0.92 -43.13 0.88
C GLU B 29 -1.78 -42.07 0.22
N GLU B 30 -3.11 -42.14 0.36
CA GLU B 30 -3.96 -41.05 -0.10
C GLU B 30 -3.78 -39.79 0.75
N VAL B 31 -3.24 -39.94 1.96
CA VAL B 31 -2.86 -38.77 2.75
C VAL B 31 -1.63 -38.10 2.14
N SER B 32 -0.59 -38.89 1.86
CA SER B 32 0.62 -38.35 1.23
C SER B 32 0.31 -37.64 -0.09
N SER B 33 -0.77 -38.06 -0.76
CA SER B 33 -1.23 -37.33 -1.94
C SER B 33 -1.97 -36.06 -1.55
N LEU B 34 -2.71 -36.09 -0.44
CA LEU B 34 -3.49 -34.93 -0.04
C LEU B 34 -2.62 -33.79 0.46
N ILE B 35 -1.52 -34.11 1.14
CA ILE B 35 -0.59 -33.10 1.61
C ILE B 35 0.30 -32.63 0.47
N SER B 36 0.92 -33.57 -0.24
CA SER B 36 1.82 -33.22 -1.34
C SER B 36 1.08 -32.98 -2.65
N GLU B 37 0.03 -32.17 -2.60
CA GLU B 37 -0.69 -31.74 -3.79
C GLU B 37 -1.24 -30.35 -3.53
N LYS B 38 -1.18 -29.50 -4.56
CA LYS B 38 -1.44 -28.08 -4.36
C LYS B 38 -2.93 -27.77 -4.36
N THR B 39 -3.35 -26.99 -3.37
CA THR B 39 -4.65 -26.37 -3.32
C THR B 39 -4.55 -24.98 -3.95
N ASN B 40 -5.55 -24.13 -3.71
CA ASN B 40 -5.60 -22.80 -4.32
C ASN B 40 -4.28 -22.07 -4.17
N GLY B 41 -3.61 -21.82 -5.30
CA GLY B 41 -2.35 -21.10 -5.31
C GLY B 41 -1.15 -21.88 -4.80
N ALA B 42 -1.26 -22.46 -3.61
CA ALA B 42 -0.10 -23.01 -2.91
C ALA B 42 -0.31 -24.46 -2.47
N THR B 43 0.62 -24.98 -1.67
CA THR B 43 0.46 -26.28 -1.05
C THR B 43 0.34 -26.13 0.46
N PRO B 44 -0.13 -27.17 1.16
CA PRO B 44 -0.12 -27.11 2.64
C PRO B 44 1.23 -26.78 3.24
N LEU B 45 2.29 -27.49 2.86
CA LEU B 45 3.60 -27.27 3.48
C LEU B 45 4.06 -25.83 3.30
N LEU B 46 3.85 -25.27 2.11
CA LEU B 46 4.29 -23.89 1.86
C LEU B 46 3.56 -22.90 2.76
N MET B 47 2.23 -23.08 2.92
CA MET B 47 1.47 -22.15 3.75
C MET B 47 1.84 -22.28 5.22
N ALA B 48 2.04 -23.51 5.70
CA ALA B 48 2.49 -23.68 7.09
C ALA B 48 3.88 -23.05 7.29
N ALA B 49 4.76 -23.16 6.30
CA ALA B 49 6.06 -22.49 6.40
C ALA B 49 5.89 -20.98 6.38
N ARG B 50 5.08 -20.46 5.45
CA ARG B 50 4.96 -19.02 5.30
C ARG B 50 4.34 -18.36 6.53
N TYR B 51 3.52 -19.09 7.29
CA TYR B 51 2.88 -18.55 8.47
C TYR B 51 3.45 -19.11 9.77
N GLY B 52 4.61 -19.77 9.70
CA GLY B 52 5.41 -20.02 10.88
C GLY B 52 4.86 -21.04 11.86
N HIS B 53 4.04 -21.98 11.40
CA HIS B 53 3.48 -23.02 12.28
C HIS B 53 4.49 -24.15 12.36
N LEU B 54 5.38 -24.07 13.36
CA LEU B 54 6.53 -24.98 13.42
C LEU B 54 6.09 -26.43 13.45
N ASP B 55 5.25 -26.80 14.41
CA ASP B 55 4.90 -28.21 14.55
C ASP B 55 3.96 -28.69 13.46
N MET B 56 3.13 -27.82 12.90
CA MET B 56 2.41 -28.19 11.68
C MET B 56 3.39 -28.54 10.58
N VAL B 57 4.50 -27.79 10.49
CA VAL B 57 5.51 -28.06 9.47
C VAL B 57 6.19 -29.40 9.73
N GLU B 58 6.59 -29.65 10.98
CA GLU B 58 7.26 -30.90 11.29
C GLU B 58 6.30 -32.09 11.19
N PHE B 59 5.01 -31.87 11.46
CA PHE B 59 4.01 -32.93 11.29
C PHE B 59 3.92 -33.36 9.84
N LEU B 60 3.57 -32.41 8.96
CA LEU B 60 3.49 -32.70 7.52
C LEU B 60 4.75 -33.41 7.03
N LEU B 61 5.92 -32.88 7.38
CA LEU B 61 7.18 -33.39 6.86
C LEU B 61 7.37 -34.86 7.20
N GLU B 62 7.32 -35.19 8.49
CA GLU B 62 7.56 -36.56 8.93
C GLU B 62 6.37 -37.48 8.65
N GLN B 63 5.15 -36.96 8.72
CA GLN B 63 3.98 -37.83 8.67
C GLN B 63 3.42 -38.06 7.27
N CYS B 64 3.79 -37.24 6.28
CA CYS B 64 3.22 -37.43 4.94
C CYS B 64 4.26 -37.81 3.90
N SER B 65 5.18 -36.92 3.54
CA SER B 65 6.06 -37.17 2.40
C SER B 65 7.05 -36.02 2.21
N ALA B 66 7.79 -36.04 1.10
CA ALA B 66 8.65 -34.93 0.70
C ALA B 66 7.91 -34.09 -0.34
N SER B 67 7.16 -33.11 0.14
CA SER B 67 6.72 -31.93 -0.62
C SER B 67 7.70 -30.76 -0.46
N ILE B 68 8.92 -31.05 -0.03
CA ILE B 68 9.75 -30.05 0.62
C ILE B 68 10.36 -29.06 -0.35
N GLU B 69 10.41 -29.37 -1.66
CA GLU B 69 11.02 -28.50 -2.64
C GLU B 69 10.03 -27.93 -3.66
N VAL B 70 8.74 -28.19 -3.51
CA VAL B 70 7.76 -27.69 -4.47
C VAL B 70 7.43 -26.24 -4.14
N GLY B 71 7.38 -25.40 -5.18
CA GLY B 71 7.16 -23.98 -5.01
C GLY B 71 5.74 -23.58 -5.38
N GLY B 72 5.26 -22.51 -4.75
CA GLY B 72 3.91 -22.05 -5.01
C GLY B 72 3.76 -20.56 -4.79
N SER B 73 2.53 -20.12 -4.54
CA SER B 73 2.20 -18.71 -4.39
C SER B 73 2.12 -18.32 -2.92
N VAL B 74 2.70 -17.17 -2.59
CA VAL B 74 2.70 -16.62 -1.23
C VAL B 74 2.47 -15.12 -1.30
N ASN B 75 1.79 -14.59 -0.29
CA ASN B 75 1.47 -13.18 -0.19
C ASN B 75 2.44 -12.51 0.80
N PHE B 76 3.24 -11.58 0.31
CA PHE B 76 4.00 -10.68 1.16
C PHE B 76 3.65 -9.26 0.73
N ASP B 77 3.21 -8.45 1.70
CA ASP B 77 2.81 -7.08 1.42
C ASP B 77 1.66 -7.06 0.39
N GLY B 78 0.76 -8.03 0.49
CA GLY B 78 -0.31 -8.18 -0.47
C GLY B 78 0.12 -8.57 -1.87
N GLU B 79 1.41 -8.48 -2.18
CA GLU B 79 1.93 -8.93 -3.47
C GLU B 79 2.02 -10.45 -3.49
N THR B 80 1.85 -11.02 -4.69
CA THR B 80 1.96 -12.46 -4.87
C THR B 80 3.31 -12.81 -5.50
N ILE B 81 3.94 -13.86 -4.98
CA ILE B 81 5.24 -14.32 -5.44
C ILE B 81 5.12 -15.79 -5.83
N GLU B 82 5.62 -16.13 -7.02
CA GLU B 82 5.38 -17.43 -7.62
C GLU B 82 6.61 -18.31 -7.58
N GLY B 83 6.39 -19.61 -7.48
CA GLY B 83 7.49 -20.57 -7.44
C GLY B 83 8.28 -20.59 -6.14
N ALA B 84 7.72 -20.09 -5.05
CA ALA B 84 8.42 -20.00 -3.77
C ALA B 84 8.36 -21.33 -3.02
N PRO B 85 9.51 -21.96 -2.74
CA PRO B 85 9.49 -23.17 -1.89
C PRO B 85 9.30 -22.83 -0.43
N PRO B 86 8.94 -23.81 0.43
CA PRO B 86 8.77 -23.51 1.86
C PRO B 86 9.96 -22.81 2.52
N LEU B 87 11.19 -23.23 2.24
CA LEU B 87 12.35 -22.58 2.86
C LEU B 87 12.41 -21.10 2.50
N TRP B 88 12.21 -20.77 1.22
CA TRP B 88 12.19 -19.38 0.82
C TRP B 88 11.13 -18.58 1.58
N ALA B 89 9.91 -19.13 1.66
CA ALA B 89 8.83 -18.41 2.32
C ALA B 89 9.08 -18.24 3.81
N ALA B 90 9.67 -19.26 4.45
CA ALA B 90 9.99 -19.12 5.87
C ALA B 90 11.09 -18.09 6.10
N SER B 91 12.03 -17.97 5.16
CA SER B 91 13.06 -16.94 5.27
C SER B 91 12.47 -15.55 5.06
N ALA B 92 11.68 -15.38 3.99
CA ALA B 92 11.09 -14.06 3.75
C ALA B 92 10.22 -13.61 4.91
N ALA B 93 9.57 -14.54 5.60
CA ALA B 93 8.70 -14.21 6.72
C ALA B 93 9.45 -14.09 8.04
N GLY B 94 10.71 -14.54 8.10
CA GLY B 94 11.48 -14.39 9.32
C GLY B 94 11.19 -15.43 10.38
N HIS B 95 10.87 -16.66 9.98
CA HIS B 95 10.54 -17.75 10.92
C HIS B 95 11.80 -18.59 11.14
N LEU B 96 12.63 -18.16 12.09
CA LEU B 96 13.95 -18.77 12.27
C LEU B 96 13.84 -20.26 12.53
N LYS B 97 12.95 -20.66 13.46
CA LYS B 97 12.81 -22.07 13.81
C LYS B 97 12.31 -22.89 12.64
N VAL B 98 11.38 -22.35 11.85
CA VAL B 98 10.92 -23.08 10.67
C VAL B 98 12.05 -23.20 9.63
N VAL B 99 12.83 -22.14 9.44
CA VAL B 99 14.00 -22.21 8.56
C VAL B 99 14.93 -23.31 9.03
N GLN B 100 15.23 -23.34 10.33
CA GLN B 100 16.13 -24.37 10.87
C GLN B 100 15.53 -25.77 10.69
N SER B 101 14.23 -25.91 10.94
CA SER B 101 13.59 -27.21 10.82
C SER B 101 13.60 -27.71 9.38
N LEU B 102 13.29 -26.84 8.42
CA LEU B 102 13.29 -27.24 7.02
C LEU B 102 14.67 -27.66 6.54
N LEU B 103 15.72 -26.99 7.03
CA LEU B 103 17.07 -27.35 6.60
C LEU B 103 17.48 -28.70 7.16
N ASN B 104 17.05 -29.02 8.39
CA ASN B 104 17.38 -30.32 8.96
C ASN B 104 16.69 -31.46 8.21
N HIS B 105 15.52 -31.21 7.63
CA HIS B 105 14.88 -32.22 6.79
C HIS B 105 15.43 -32.22 5.36
N GLY B 106 16.57 -31.59 5.14
CA GLY B 106 17.26 -31.66 3.86
C GLY B 106 16.82 -30.68 2.80
N ALA B 107 16.18 -29.58 3.18
CA ALA B 107 15.78 -28.58 2.21
C ALA B 107 17.00 -27.99 1.52
N SER B 108 16.86 -27.74 0.21
CA SER B 108 17.97 -27.20 -0.58
C SER B 108 18.10 -25.71 -0.32
N VAL B 109 19.26 -25.29 0.18
CA VAL B 109 19.43 -23.92 0.63
C VAL B 109 19.33 -22.90 -0.52
N ASN B 110 19.63 -23.30 -1.75
CA ASN B 110 19.72 -22.35 -2.86
C ASN B 110 18.55 -22.45 -3.84
N ASN B 111 17.43 -23.05 -3.44
CA ASN B 111 16.29 -23.18 -4.35
C ASN B 111 15.44 -21.91 -4.35
N THR B 112 15.19 -21.37 -5.53
CA THR B 112 14.74 -19.99 -5.69
C THR B 112 13.26 -19.92 -6.08
N THR B 113 12.74 -18.68 -6.01
CA THR B 113 11.47 -18.37 -6.64
C THR B 113 11.64 -18.31 -8.16
N LEU B 114 10.56 -17.93 -8.85
CA LEU B 114 10.61 -17.83 -10.31
C LEU B 114 11.52 -16.70 -10.79
N THR B 115 11.69 -15.65 -9.98
CA THR B 115 12.60 -14.57 -10.31
C THR B 115 14.02 -14.81 -9.81
N ASN B 116 14.32 -16.04 -9.38
CA ASN B 116 15.64 -16.48 -8.93
C ASN B 116 16.07 -15.82 -7.61
N SER B 117 15.11 -15.44 -6.79
CA SER B 117 15.38 -14.98 -5.43
C SER B 117 15.63 -16.17 -4.52
N THR B 118 16.78 -16.19 -3.83
CA THR B 118 17.16 -17.26 -2.92
C THR B 118 16.57 -17.03 -1.54
N PRO B 119 16.56 -18.07 -0.70
CA PRO B 119 16.24 -17.85 0.72
C PRO B 119 17.13 -16.81 1.37
N LEU B 120 18.43 -16.79 1.03
CA LEU B 120 19.33 -15.75 1.53
C LEU B 120 18.86 -14.36 1.11
N ARG B 121 18.51 -14.19 -0.17
CA ARG B 121 18.01 -12.89 -0.61
C ARG B 121 16.78 -12.48 0.19
N ALA B 122 15.84 -13.42 0.42
CA ALA B 122 14.65 -13.12 1.21
C ALA B 122 15.02 -12.67 2.63
N ALA B 123 15.94 -13.37 3.27
CA ALA B 123 16.33 -12.99 4.63
C ALA B 123 17.06 -11.65 4.65
N CYS B 124 17.86 -11.34 3.62
CA CYS B 124 18.53 -10.04 3.55
C CYS B 124 17.53 -8.91 3.34
N PHE B 125 16.49 -9.15 2.55
CA PHE B 125 15.41 -8.19 2.37
C PHE B 125 14.68 -7.94 3.68
N ASP B 126 14.29 -9.03 4.36
CA ASP B 126 13.53 -8.94 5.60
C ASP B 126 14.38 -8.38 6.74
N GLY B 127 15.69 -8.57 6.68
CA GLY B 127 16.58 -8.05 7.70
C GLY B 127 16.75 -8.92 8.90
N HIS B 128 16.55 -10.24 8.79
CA HIS B 128 16.70 -11.14 9.93
C HIS B 128 18.14 -11.67 9.95
N LEU B 129 19.00 -11.02 10.74
CA LEU B 129 20.42 -11.36 10.72
C LEU B 129 20.66 -12.82 11.08
N GLU B 130 19.92 -13.33 12.05
CA GLU B 130 20.17 -14.69 12.50
C GLU B 130 19.84 -15.71 11.41
N ILE B 131 18.76 -15.48 10.65
CA ILE B 131 18.47 -16.35 9.51
C ILE B 131 19.55 -16.25 8.44
N VAL B 132 19.98 -15.01 8.12
CA VAL B 132 21.10 -14.83 7.17
C VAL B 132 22.31 -15.67 7.58
N LYS B 133 22.72 -15.55 8.84
CA LYS B 133 23.89 -16.31 9.28
C LYS B 133 23.64 -17.80 9.17
N TYR B 134 22.45 -18.25 9.58
CA TYR B 134 22.14 -19.68 9.54
C TYR B 134 22.18 -20.21 8.11
N LEU B 135 21.59 -19.47 7.17
CA LEU B 135 21.63 -19.88 5.77
C LEU B 135 23.07 -19.92 5.24
N VAL B 136 23.87 -18.89 5.55
CA VAL B 136 25.24 -18.85 5.07
C VAL B 136 26.03 -20.03 5.64
N GLU B 137 25.85 -20.31 6.94
CA GLU B 137 26.51 -21.45 7.55
C GLU B 137 26.07 -22.77 6.94
N HIS B 138 24.86 -22.84 6.37
CA HIS B 138 24.42 -24.01 5.63
C HIS B 138 24.66 -23.86 4.13
N LYS B 139 25.74 -23.17 3.75
CA LYS B 139 26.28 -23.12 2.38
C LYS B 139 25.34 -22.39 1.41
N ALA B 140 24.59 -21.40 1.88
CA ALA B 140 23.93 -20.49 0.95
C ALA B 140 24.97 -19.77 0.09
N ASP B 141 24.68 -19.62 -1.20
CA ASP B 141 25.59 -18.99 -2.15
C ASP B 141 25.37 -17.48 -2.13
N LEU B 142 26.39 -16.74 -1.68
CA LEU B 142 26.31 -15.27 -1.58
C LEU B 142 26.16 -14.58 -2.92
N GLU B 143 26.51 -15.22 -4.04
CA GLU B 143 26.54 -14.53 -5.32
C GLU B 143 25.38 -14.88 -6.25
N VAL B 144 24.48 -15.79 -5.86
CA VAL B 144 23.29 -16.05 -6.67
C VAL B 144 22.37 -14.83 -6.60
N SER B 145 22.17 -14.17 -7.73
CA SER B 145 21.35 -12.97 -7.82
C SER B 145 19.99 -13.28 -8.45
N ASN B 146 19.07 -12.33 -8.38
CA ASN B 146 17.77 -12.51 -9.02
C ASN B 146 17.92 -12.26 -10.52
N ARG B 147 16.80 -12.39 -11.23
CA ARG B 147 16.79 -12.27 -12.69
C ARG B 147 17.34 -10.92 -13.15
N HIS B 148 17.15 -9.88 -12.35
CA HIS B 148 17.69 -8.56 -12.67
C HIS B 148 19.18 -8.42 -12.34
N GLY B 149 19.81 -9.46 -11.80
CA GLY B 149 21.20 -9.32 -11.38
C GLY B 149 21.40 -8.62 -10.07
N HIS B 150 20.32 -8.44 -9.28
CA HIS B 150 20.40 -7.81 -7.98
C HIS B 150 20.86 -8.83 -6.95
N THR B 151 21.92 -8.50 -6.22
CA THR B 151 22.55 -9.44 -5.30
C THR B 151 22.02 -9.28 -3.88
N CYS B 152 22.39 -10.23 -3.02
CA CYS B 152 22.07 -10.15 -1.59
C CYS B 152 22.69 -8.92 -0.93
N LEU B 153 23.95 -8.63 -1.26
CA LEU B 153 24.58 -7.43 -0.73
C LEU B 153 23.81 -6.18 -1.16
N MET B 154 23.42 -6.11 -2.44
CA MET B 154 22.68 -4.95 -2.93
C MET B 154 21.38 -4.73 -2.17
N ILE B 155 20.60 -5.79 -1.93
CA ILE B 155 19.31 -5.58 -1.26
C ILE B 155 19.52 -5.23 0.21
N SER B 156 20.53 -5.84 0.85
CA SER B 156 20.91 -5.41 2.20
C SER B 156 21.18 -3.91 2.26
N CYS B 157 21.98 -3.39 1.33
CA CYS B 157 22.28 -1.96 1.31
C CYS B 157 21.04 -1.14 0.99
N TYR B 158 20.25 -1.60 0.03
CA TYR B 158 19.04 -0.88 -0.33
C TYR B 158 18.09 -0.77 0.84
N LYS B 159 17.93 -1.85 1.61
CA LYS B 159 17.05 -1.83 2.78
C LYS B 159 17.72 -1.24 4.03
N GLY B 160 18.99 -0.88 3.96
CA GLY B 160 19.65 -0.23 5.08
C GLY B 160 20.03 -1.16 6.21
N HIS B 161 20.28 -2.44 5.93
CA HIS B 161 20.58 -3.43 6.97
C HIS B 161 22.10 -3.52 7.14
N LYS B 162 22.64 -2.68 8.03
CA LYS B 162 24.11 -2.54 8.09
C LYS B 162 24.78 -3.81 8.59
N GLU B 163 24.28 -4.40 9.66
CA GLU B 163 24.88 -5.64 10.21
C GLU B 163 24.88 -6.76 9.17
N ILE B 164 23.80 -6.89 8.42
CA ILE B 164 23.76 -7.93 7.40
C ILE B 164 24.78 -7.66 6.30
N ALA B 165 24.81 -6.43 5.79
CA ALA B 165 25.79 -6.08 4.76
C ALA B 165 27.21 -6.29 5.27
N GLN B 166 27.47 -5.88 6.51
CA GLN B 166 28.79 -6.11 7.10
C GLN B 166 29.13 -7.59 7.14
N TYR B 167 28.16 -8.42 7.54
CA TYR B 167 28.39 -9.85 7.61
C TYR B 167 28.65 -10.46 6.23
N LEU B 168 27.85 -10.08 5.22
CA LEU B 168 28.07 -10.57 3.86
C LEU B 168 29.46 -10.19 3.34
N LEU B 169 29.89 -8.96 3.60
CA LEU B 169 31.24 -8.54 3.20
C LEU B 169 32.31 -9.35 3.92
N GLU B 170 32.12 -9.61 5.21
CA GLU B 170 33.09 -10.41 5.97
C GLU B 170 33.18 -11.82 5.43
N LYS B 171 32.08 -12.37 4.90
CA LYS B 171 32.03 -13.71 4.33
C LYS B 171 32.50 -13.76 2.89
N GLY B 172 32.89 -12.64 2.29
CA GLY B 172 33.45 -12.63 0.95
C GLY B 172 32.54 -12.14 -0.16
N ALA B 173 31.38 -11.55 0.15
CA ALA B 173 30.54 -11.02 -0.93
C ALA B 173 31.31 -10.01 -1.78
N ASP B 174 31.16 -10.13 -3.12
CA ASP B 174 31.84 -9.25 -4.06
C ASP B 174 31.19 -7.87 -4.04
N VAL B 175 31.96 -6.83 -3.70
CA VAL B 175 31.39 -5.50 -3.50
C VAL B 175 31.17 -4.75 -4.83
N ASN B 176 31.83 -5.17 -5.91
CA ASN B 176 31.82 -4.43 -7.16
C ASN B 176 30.90 -5.02 -8.22
N ARG B 177 30.11 -6.02 -7.89
CA ARG B 177 29.18 -6.57 -8.87
C ARG B 177 28.18 -5.51 -9.33
N LYS B 178 27.72 -5.65 -10.56
CA LYS B 178 26.70 -4.77 -11.11
C LYS B 178 25.53 -5.61 -11.61
N SER B 179 24.33 -5.05 -11.48
CA SER B 179 23.13 -5.72 -11.98
C SER B 179 23.02 -5.53 -13.50
N VAL B 180 21.98 -6.12 -14.08
CA VAL B 180 21.77 -6.02 -15.53
C VAL B 180 21.68 -4.56 -15.97
N LYS B 181 21.09 -3.71 -15.13
CA LYS B 181 21.00 -2.29 -15.41
C LYS B 181 22.16 -1.49 -14.81
N GLY B 182 23.26 -2.14 -14.42
CA GLY B 182 24.43 -1.43 -13.95
C GLY B 182 24.37 -0.95 -12.51
N ASN B 183 23.34 -1.34 -11.75
CA ASN B 183 23.25 -0.99 -10.34
C ASN B 183 24.31 -1.72 -9.53
N THR B 184 25.09 -0.98 -8.73
CA THR B 184 26.02 -1.56 -7.78
C THR B 184 25.52 -1.31 -6.35
N ALA B 185 26.12 -2.03 -5.39
CA ALA B 185 25.76 -1.86 -3.99
C ALA B 185 25.95 -0.42 -3.50
N LEU B 186 26.95 0.29 -4.04
CA LEU B 186 27.09 1.71 -3.73
C LEU B 186 25.88 2.52 -4.19
N HIS B 187 25.26 2.17 -5.32
CA HIS B 187 24.05 2.86 -5.73
C HIS B 187 22.91 2.57 -4.75
N ASP B 188 22.79 1.32 -4.32
CA ASP B 188 21.78 0.96 -3.34
C ASP B 188 21.94 1.76 -2.06
N CYS B 189 23.18 1.96 -1.59
CA CYS B 189 23.40 2.82 -0.43
C CYS B 189 22.92 4.24 -0.70
N ALA B 190 23.27 4.79 -1.86
CA ALA B 190 22.86 6.15 -2.19
C ALA B 190 21.35 6.26 -2.30
N GLU B 191 20.69 5.26 -2.91
CA GLU B 191 19.24 5.28 -3.09
C GLU B 191 18.49 5.25 -1.75
N SER B 192 19.07 4.61 -0.72
CA SER B 192 18.43 4.53 0.58
C SER B 192 19.00 5.49 1.60
N GLY B 193 20.01 6.30 1.26
CA GLY B 193 20.58 7.20 2.26
C GLY B 193 21.37 6.51 3.35
N SER B 194 21.89 5.31 3.09
CA SER B 194 22.63 4.56 4.11
C SER B 194 24.10 4.98 4.07
N LEU B 195 24.41 6.07 4.78
CA LEU B 195 25.76 6.63 4.74
C LEU B 195 26.76 5.72 5.44
N ASP B 196 26.38 5.18 6.60
CA ASP B 196 27.25 4.25 7.32
C ASP B 196 27.60 3.04 6.47
N ILE B 197 26.61 2.48 5.76
CA ILE B 197 26.90 1.34 4.88
C ILE B 197 27.79 1.76 3.71
N MET B 198 27.55 2.95 3.13
CA MET B 198 28.40 3.37 2.03
C MET B 198 29.86 3.51 2.46
N LYS B 199 30.10 4.08 3.65
CA LYS B 199 31.47 4.18 4.16
C LYS B 199 32.08 2.80 4.35
N MET B 200 31.28 1.84 4.79
CA MET B 200 31.76 0.47 4.92
C MET B 200 32.15 -0.10 3.56
N LEU B 201 31.31 0.08 2.53
CA LEU B 201 31.65 -0.41 1.19
C LEU B 201 32.96 0.21 0.71
N LEU B 202 33.15 1.51 0.95
CA LEU B 202 34.40 2.17 0.58
C LEU B 202 35.60 1.65 1.37
N MET B 203 35.39 1.04 2.53
CA MET B 203 36.52 0.40 3.21
C MET B 203 37.01 -0.82 2.45
N TYR B 204 36.16 -1.39 1.61
CA TYR B 204 36.53 -2.47 0.69
C TYR B 204 36.91 -1.95 -0.69
N CYS B 205 37.09 -0.63 -0.84
CA CYS B 205 37.47 -0.01 -2.10
C CYS B 205 36.45 -0.30 -3.20
N ALA B 206 35.17 -0.25 -2.82
CA ALA B 206 34.12 -0.31 -3.83
C ALA B 206 34.24 0.89 -4.75
N LYS B 207 34.19 0.65 -6.06
CA LYS B 207 34.43 1.69 -7.06
C LYS B 207 33.15 2.40 -7.47
N MET B 208 33.22 3.73 -7.58
CA MET B 208 32.12 4.52 -8.10
C MET B 208 32.01 4.35 -9.60
N GLU B 209 30.87 3.86 -10.08
CA GLU B 209 30.65 3.67 -11.51
C GLU B 209 29.30 4.26 -11.90
N LYS B 210 29.16 4.54 -13.20
CA LYS B 210 27.86 4.87 -13.76
C LYS B 210 27.06 3.61 -13.98
N ASP B 211 25.77 3.67 -13.69
CA ASP B 211 24.89 2.56 -14.01
C ASP B 211 24.37 2.74 -15.45
N GLY B 212 23.37 1.92 -15.81
CA GLY B 212 22.86 1.93 -17.17
C GLY B 212 22.18 3.21 -17.57
N TYR B 213 21.84 4.07 -16.61
CA TYR B 213 21.27 5.38 -16.89
C TYR B 213 22.31 6.49 -16.84
N GLY B 214 23.59 6.14 -16.79
CA GLY B 214 24.65 7.12 -16.60
C GLY B 214 24.75 7.67 -15.20
N MET B 215 24.11 7.05 -14.22
CA MET B 215 24.07 7.59 -12.86
C MET B 215 25.17 6.98 -12.01
N THR B 216 26.03 7.82 -11.46
CA THR B 216 26.94 7.43 -10.40
C THR B 216 26.17 7.36 -9.09
N PRO B 217 26.75 6.77 -8.04
CA PRO B 217 26.08 6.81 -6.73
C PRO B 217 25.76 8.22 -6.27
N LEU B 218 26.65 9.19 -6.53
CA LEU B 218 26.37 10.57 -6.17
C LEU B 218 25.12 11.09 -6.86
N LEU B 219 25.00 10.85 -8.16
CA LEU B 219 23.82 11.30 -8.88
C LEU B 219 22.59 10.54 -8.40
N SER B 220 22.74 9.24 -8.11
CA SER B 220 21.62 8.45 -7.59
C SER B 220 21.08 9.06 -6.30
N ALA B 221 21.96 9.60 -5.45
CA ALA B 221 21.51 10.22 -4.21
C ALA B 221 20.84 11.55 -4.47
N SER B 222 21.33 12.30 -5.48
CA SER B 222 20.69 13.55 -5.87
C SER B 222 19.28 13.30 -6.39
N VAL B 223 19.10 12.26 -7.21
CA VAL B 223 17.77 11.91 -7.73
C VAL B 223 16.83 11.60 -6.57
N THR B 224 17.26 10.73 -5.65
CA THR B 224 16.39 10.32 -4.56
C THR B 224 16.30 11.36 -3.44
N GLY B 225 17.21 12.33 -3.41
CA GLY B 225 17.12 13.40 -2.43
C GLY B 225 17.78 13.11 -1.10
N HIS B 226 18.80 12.26 -1.05
CA HIS B 226 19.45 11.92 0.21
C HIS B 226 20.62 12.87 0.40
N THR B 227 20.38 13.96 1.15
CA THR B 227 21.37 15.00 1.35
CA THR B 227 21.39 14.99 1.32
C THR B 227 22.62 14.50 2.07
N ASN B 228 22.46 13.51 2.97
CA ASN B 228 23.63 13.04 3.71
C ASN B 228 24.64 12.38 2.77
N ILE B 229 24.15 11.67 1.75
CA ILE B 229 25.05 11.06 0.77
C ILE B 229 25.65 12.14 -0.13
N VAL B 230 24.83 13.07 -0.62
CA VAL B 230 25.35 14.12 -1.50
C VAL B 230 26.43 14.94 -0.79
N ASP B 231 26.19 15.32 0.48
CA ASP B 231 27.20 16.08 1.22
C ASP B 231 28.49 15.28 1.33
N PHE B 232 28.39 13.99 1.61
CA PHE B 232 29.58 13.16 1.81
C PHE B 232 30.34 13.01 0.50
N LEU B 233 29.64 12.68 -0.59
CA LEU B 233 30.32 12.38 -1.84
C LEU B 233 30.86 13.62 -2.54
N THR B 234 30.22 14.79 -2.36
CA THR B 234 30.78 16.01 -2.92
C THR B 234 32.00 16.51 -2.16
N HIS B 235 32.35 15.86 -1.05
CA HIS B 235 33.61 16.08 -0.37
C HIS B 235 34.52 14.87 -0.47
N HIS B 236 34.23 13.95 -1.38
CA HIS B 236 35.03 12.75 -1.60
C HIS B 236 35.87 12.93 -2.85
N ALA B 237 37.14 12.54 -2.75
CA ALA B 237 38.09 12.81 -3.83
C ALA B 237 37.71 12.13 -5.14
N GLN B 238 36.89 11.09 -5.09
CA GLN B 238 36.58 10.38 -6.33
C GLN B 238 35.57 11.13 -7.21
N THR B 239 34.97 12.23 -6.76
CA THR B 239 34.02 12.98 -7.56
C THR B 239 34.66 14.29 -8.04
N SER B 240 34.56 14.54 -9.34
CA SER B 240 35.18 15.72 -9.97
C SER B 240 34.34 16.97 -9.73
N LYS B 241 34.92 18.12 -10.10
CA LYS B 241 34.26 19.40 -9.88
C LYS B 241 32.94 19.49 -10.64
N THR B 242 32.95 19.09 -11.91
CA THR B 242 31.74 19.19 -12.70
C THR B 242 30.68 18.20 -12.22
N GLU B 243 31.10 17.00 -11.83
CA GLU B 243 30.17 16.06 -11.21
C GLU B 243 29.54 16.64 -9.95
N ARG B 244 30.33 17.30 -9.12
CA ARG B 244 29.78 17.93 -7.92
C ARG B 244 28.78 19.01 -8.27
N ILE B 245 29.14 19.87 -9.22
CA ILE B 245 28.24 20.93 -9.66
C ILE B 245 26.89 20.36 -10.12
N ASN B 246 26.95 19.33 -10.97
CA ASN B 246 25.71 18.74 -11.47
C ASN B 246 24.93 18.04 -10.37
N ALA B 247 25.63 17.38 -9.44
CA ALA B 247 24.93 16.73 -8.33
C ALA B 247 24.19 17.74 -7.47
N LEU B 248 24.80 18.89 -7.23
CA LEU B 248 24.13 19.90 -6.41
C LEU B 248 22.93 20.51 -7.14
N GLU B 249 23.07 20.72 -8.45
CA GLU B 249 21.95 21.31 -9.19
C GLU B 249 20.79 20.34 -9.29
N LEU B 250 21.05 19.06 -9.60
CA LEU B 250 20.00 18.06 -9.63
C LEU B 250 19.34 17.92 -8.26
N LEU B 251 20.13 17.93 -7.18
CA LEU B 251 19.54 17.84 -5.85
C LEU B 251 18.62 19.01 -5.58
N GLY B 252 19.03 20.22 -6.00
CA GLY B 252 18.13 21.35 -5.89
C GLY B 252 16.84 21.14 -6.67
N ALA B 253 16.94 20.50 -7.84
CA ALA B 253 15.73 20.20 -8.60
C ALA B 253 14.86 19.20 -7.83
N THR B 254 15.49 18.22 -7.20
CA THR B 254 14.75 17.28 -6.36
C THR B 254 14.06 18.00 -5.20
N PHE B 255 14.72 19.02 -4.64
CA PHE B 255 14.08 19.81 -3.58
C PHE B 255 12.82 20.52 -4.09
N VAL B 256 12.87 21.06 -5.32
CA VAL B 256 11.70 21.75 -5.87
C VAL B 256 10.55 20.77 -6.05
N ASP B 257 10.81 19.67 -6.76
CA ASP B 257 9.75 18.78 -7.24
C ASP B 257 9.34 17.73 -6.21
N LYS B 258 10.32 17.07 -5.58
CA LYS B 258 9.99 16.00 -4.64
C LYS B 258 9.72 16.52 -3.25
N LYS B 259 10.48 17.52 -2.81
CA LYS B 259 10.37 17.97 -1.43
C LYS B 259 9.54 19.22 -1.28
N ARG B 260 9.26 19.93 -2.38
CA ARG B 260 8.51 21.17 -2.35
C ARG B 260 9.18 22.18 -1.42
N ASP B 261 10.51 22.23 -1.46
CA ASP B 261 11.32 23.07 -0.58
C ASP B 261 12.13 24.00 -1.48
N LEU B 262 11.55 25.16 -1.79
CA LEU B 262 12.22 26.10 -2.69
C LEU B 262 13.43 26.74 -2.02
N LEU B 263 13.37 26.99 -0.71
CA LEU B 263 14.53 27.57 -0.03
C LEU B 263 15.70 26.61 -0.02
N GLY B 264 15.44 25.34 0.29
CA GLY B 264 16.51 24.35 0.22
C GLY B 264 17.11 24.24 -1.18
N ALA B 265 16.24 24.25 -2.20
CA ALA B 265 16.69 24.19 -3.58
C ALA B 265 17.63 25.34 -3.92
N LEU B 266 17.24 26.56 -3.56
CA LEU B 266 18.07 27.72 -3.87
C LEU B 266 19.44 27.63 -3.20
N LYS B 267 19.53 27.02 -2.02
CA LYS B 267 20.82 26.90 -1.34
C LYS B 267 21.78 26.03 -2.14
N TYR B 268 21.29 24.90 -2.66
CA TYR B 268 22.16 24.05 -3.46
C TYR B 268 22.49 24.70 -4.80
N TRP B 269 21.52 25.38 -5.41
CA TRP B 269 21.81 26.04 -6.68
C TRP B 269 22.87 27.13 -6.52
N LYS B 270 22.79 27.92 -5.44
CA LYS B 270 23.78 28.98 -5.24
C LYS B 270 25.17 28.40 -5.01
N LYS B 271 25.26 27.32 -4.23
CA LYS B 271 26.56 26.70 -4.01
C LYS B 271 27.13 26.15 -5.31
N ALA B 272 26.28 25.54 -6.15
CA ALA B 272 26.75 25.07 -7.45
C ALA B 272 27.18 26.24 -8.34
N MET B 273 26.34 27.26 -8.45
CA MET B 273 26.70 28.40 -9.27
C MET B 273 28.03 29.00 -8.81
N ASN B 274 28.27 29.02 -7.51
CA ASN B 274 29.53 29.52 -6.98
C ASN B 274 30.70 28.67 -7.46
N MET B 275 30.56 27.34 -7.41
CA MET B 275 31.61 26.48 -7.92
C MET B 275 31.83 26.71 -9.41
N ARG B 276 30.76 26.96 -10.17
CA ARG B 276 30.90 27.22 -11.60
C ARG B 276 31.82 28.41 -11.86
N TYR B 277 31.84 29.41 -10.98
CA TYR B 277 32.61 30.63 -11.19
C TYR B 277 33.68 30.84 -10.12
N SER B 278 34.19 29.75 -9.53
CA SER B 278 35.17 29.87 -8.46
C SER B 278 36.57 30.15 -9.01
N ASP B 279 36.84 29.74 -10.24
CA ASP B 279 38.15 29.84 -10.86
C ASP B 279 37.97 30.51 -12.22
N ARG B 280 38.45 31.75 -12.35
CA ARG B 280 38.25 32.48 -13.59
C ARG B 280 39.03 31.90 -14.76
N THR B 281 39.98 31.00 -14.52
CA THR B 281 40.69 30.36 -15.63
C THR B 281 39.78 29.40 -16.38
N ASN B 282 39.13 28.47 -15.67
CA ASN B 282 38.25 27.48 -16.26
C ASN B 282 36.84 27.67 -15.69
N ILE B 283 36.09 28.59 -16.29
CA ILE B 283 34.71 28.81 -15.88
C ILE B 283 33.85 27.69 -16.45
N ILE B 284 33.00 27.12 -15.62
CA ILE B 284 32.14 26.00 -16.03
C ILE B 284 30.75 26.58 -16.30
N SER B 285 30.51 26.91 -17.56
CA SER B 285 29.23 27.49 -17.96
C SER B 285 28.28 26.40 -18.43
N LYS B 286 26.99 26.65 -18.25
CA LYS B 286 25.99 25.65 -18.58
C LYS B 286 25.86 25.53 -20.10
N PRO B 287 25.75 24.30 -20.62
CA PRO B 287 25.43 24.15 -22.05
C PRO B 287 24.06 24.73 -22.35
N VAL B 288 23.89 25.23 -23.57
CA VAL B 288 22.65 25.86 -24.01
C VAL B 288 21.93 24.88 -24.91
N PRO B 289 20.72 24.45 -24.58
CA PRO B 289 20.10 23.33 -25.27
C PRO B 289 19.69 23.66 -26.71
N GLN B 290 19.48 22.57 -27.46
CA GLN B 290 19.11 22.63 -28.87
C GLN B 290 17.90 23.52 -29.09
N THR B 291 16.77 23.18 -28.49
CA THR B 291 15.52 23.88 -28.73
C THR B 291 14.90 24.33 -27.41
N LEU B 292 14.03 25.32 -27.52
CA LEU B 292 13.22 25.77 -26.40
C LEU B 292 11.90 25.02 -26.37
N ILE B 293 11.41 24.76 -25.16
CA ILE B 293 10.25 23.90 -24.95
C ILE B 293 9.06 24.77 -24.59
N MET B 294 8.02 24.73 -25.42
CA MET B 294 6.80 25.48 -25.12
C MET B 294 6.22 25.05 -23.78
N ALA B 295 6.22 23.75 -23.48
CA ALA B 295 5.68 23.27 -22.22
C ALA B 295 6.44 23.82 -21.01
N TYR B 296 7.70 24.24 -21.19
CA TYR B 296 8.49 24.88 -20.15
C TYR B 296 8.38 26.40 -20.19
N ASP B 297 7.37 26.95 -20.87
CA ASP B 297 7.29 28.39 -21.12
C ASP B 297 8.59 28.93 -21.74
N TYR B 298 9.23 28.12 -22.58
CA TYR B 298 10.48 28.49 -23.27
C TYR B 298 11.56 28.96 -22.31
N ALA B 299 11.60 28.34 -21.13
CA ALA B 299 12.52 28.77 -20.09
C ALA B 299 13.96 28.42 -20.51
N LYS B 300 14.91 29.12 -19.87
CA LYS B 300 16.34 28.91 -20.06
C LYS B 300 16.99 28.93 -18.70
N GLU B 301 17.98 28.05 -18.47
CA GLU B 301 18.60 27.97 -17.15
C GLU B 301 19.31 29.27 -16.80
N VAL B 302 19.30 29.60 -15.50
CA VAL B 302 20.08 30.74 -15.02
C VAL B 302 21.56 30.44 -15.22
N ASN B 303 22.34 31.50 -15.47
CA ASN B 303 23.75 31.24 -15.68
C ASN B 303 24.64 32.21 -14.91
N SER B 304 24.12 32.84 -13.86
CA SER B 304 24.96 33.69 -13.02
C SER B 304 24.41 33.71 -11.61
N ALA B 305 25.26 34.12 -10.67
CA ALA B 305 24.83 34.29 -9.28
C ALA B 305 23.77 35.39 -9.16
N GLU B 306 23.84 36.41 -10.02
CA GLU B 306 22.85 37.49 -9.99
C GLU B 306 21.49 37.00 -10.42
N GLU B 307 21.43 36.16 -11.47
CA GLU B 307 20.14 35.63 -11.91
C GLU B 307 19.51 34.73 -10.87
N LEU B 308 20.31 34.13 -9.99
CA LEU B 308 19.77 33.29 -8.92
C LEU B 308 19.09 34.11 -7.85
N GLU B 309 19.57 35.33 -7.61
CA GLU B 309 19.03 36.14 -6.52
C GLU B 309 17.58 36.52 -6.80
N GLY B 310 16.76 36.47 -5.77
CA GLY B 310 15.35 36.76 -5.91
C GLY B 310 14.54 35.72 -6.65
N LEU B 311 15.13 34.58 -7.01
CA LEU B 311 14.36 33.53 -7.66
C LEU B 311 13.25 32.98 -6.78
N ILE B 312 13.39 33.10 -5.45
CA ILE B 312 12.38 32.54 -4.57
C ILE B 312 11.07 33.30 -4.65
N ALA B 313 11.13 34.58 -5.04
CA ALA B 313 9.94 35.37 -5.31
C ALA B 313 9.19 34.91 -6.55
N ASP B 314 9.73 33.95 -7.28
CA ASP B 314 9.15 33.47 -8.54
C ASP B 314 9.14 31.95 -8.53
N PRO B 315 8.25 31.34 -7.75
CA PRO B 315 8.22 29.86 -7.68
C PRO B 315 8.03 29.19 -9.02
N ASP B 316 7.25 29.81 -9.92
CA ASP B 316 7.03 29.22 -11.22
C ASP B 316 8.31 29.11 -12.03
N GLU B 317 9.17 30.14 -11.96
CA GLU B 317 10.46 30.04 -12.64
C GLU B 317 11.29 28.94 -12.03
N MET B 318 11.27 28.82 -10.70
CA MET B 318 12.05 27.78 -10.05
C MET B 318 11.59 26.40 -10.51
N ARG B 319 10.29 26.25 -10.76
CA ARG B 319 9.79 24.97 -11.23
C ARG B 319 10.29 24.65 -12.63
N MET B 320 10.30 25.64 -13.53
CA MET B 320 10.84 25.40 -14.87
C MET B 320 12.36 25.17 -14.83
N GLN B 321 13.07 25.87 -13.94
CA GLN B 321 14.51 25.59 -13.80
C GLN B 321 14.73 24.14 -13.43
N ALA B 322 13.97 23.64 -12.46
CA ALA B 322 14.09 22.24 -12.04
C ALA B 322 13.85 21.28 -13.21
N LEU B 323 12.83 21.54 -14.04
CA LEU B 323 12.57 20.68 -15.18
C LEU B 323 13.73 20.70 -16.17
N LEU B 324 14.22 21.90 -16.50
CA LEU B 324 15.38 22.04 -17.38
C LEU B 324 16.59 21.30 -16.83
N ILE B 325 16.85 21.46 -15.52
CA ILE B 325 18.01 20.83 -14.90
C ILE B 325 17.93 19.32 -15.01
N ARG B 326 16.76 18.74 -14.68
CA ARG B 326 16.61 17.28 -14.69
C ARG B 326 16.77 16.74 -16.10
N GLU B 327 16.18 17.41 -17.10
CA GLU B 327 16.32 16.95 -18.47
C GLU B 327 17.77 17.06 -18.94
N ARG B 328 18.46 18.14 -18.58
CA ARG B 328 19.88 18.25 -18.93
C ARG B 328 20.68 17.10 -18.32
N ILE B 329 20.54 16.89 -17.01
CA ILE B 329 21.44 15.95 -16.33
C ILE B 329 20.97 14.50 -16.48
N LEU B 330 19.66 14.23 -16.35
CA LEU B 330 19.18 12.86 -16.49
C LEU B 330 18.91 12.47 -17.94
N GLY B 331 18.52 13.41 -18.78
CA GLY B 331 18.20 13.08 -20.14
C GLY B 331 16.79 12.52 -20.26
N PRO B 332 16.34 12.30 -21.51
CA PRO B 332 14.93 11.94 -21.72
C PRO B 332 14.60 10.47 -21.45
N SER B 333 15.60 9.59 -21.35
CA SER B 333 15.35 8.17 -21.11
C SER B 333 15.35 7.81 -19.64
N HIS B 334 15.69 8.72 -18.76
CA HIS B 334 15.55 8.42 -17.35
C HIS B 334 14.09 8.54 -16.94
N PRO B 335 13.53 7.54 -16.25
CA PRO B 335 12.10 7.59 -15.91
C PRO B 335 11.72 8.78 -15.06
N ASP B 336 12.64 9.29 -14.25
CA ASP B 336 12.31 10.44 -13.40
C ASP B 336 12.08 11.70 -14.21
N THR B 337 12.64 11.79 -15.41
CA THR B 337 12.44 13.01 -16.21
C THR B 337 10.97 13.14 -16.60
N SER B 338 10.41 12.15 -17.29
CA SER B 338 9.00 12.23 -17.66
C SER B 338 8.09 12.17 -16.43
N TYR B 339 8.47 11.43 -15.39
CA TYR B 339 7.69 11.41 -14.15
C TYR B 339 7.44 12.82 -13.61
N TYR B 340 8.52 13.60 -13.41
CA TYR B 340 8.37 14.89 -12.78
C TYR B 340 7.84 15.96 -13.72
N ILE B 341 7.96 15.75 -15.03
CA ILE B 341 7.22 16.60 -15.97
C ILE B 341 5.71 16.42 -15.78
N ARG B 342 5.25 15.16 -15.74
CA ARG B 342 3.82 14.90 -15.59
C ARG B 342 3.34 15.30 -14.20
N TYR B 343 4.19 15.13 -13.19
CA TYR B 343 3.83 15.52 -11.82
C TYR B 343 3.69 17.03 -11.69
N ARG B 344 4.57 17.80 -12.35
CA ARG B 344 4.40 19.25 -12.39
C ARG B 344 3.08 19.61 -13.08
N GLY B 345 2.76 18.92 -14.18
CA GLY B 345 1.48 19.12 -14.83
C GLY B 345 0.31 18.85 -13.88
N ALA B 346 0.42 17.76 -13.10
CA ALA B 346 -0.67 17.45 -12.16
C ALA B 346 -0.86 18.56 -11.14
N VAL B 347 0.23 19.08 -10.59
CA VAL B 347 0.15 20.18 -9.62
C VAL B 347 -0.42 21.44 -10.27
N TYR B 348 -0.06 21.72 -11.52
CA TYR B 348 -0.68 22.84 -12.22
C TYR B 348 -2.18 22.63 -12.38
N ALA B 349 -2.60 21.40 -12.67
CA ALA B 349 -4.04 21.15 -12.80
C ALA B 349 -4.75 21.41 -11.48
N ASP B 350 -4.10 21.08 -10.35
CA ASP B 350 -4.72 21.33 -9.06
C ASP B 350 -4.82 22.82 -8.75
N SER B 351 -3.94 23.64 -9.30
CA SER B 351 -4.06 25.09 -9.15
C SER B 351 -4.85 25.72 -10.28
N GLY B 352 -5.53 24.93 -11.12
CA GLY B 352 -6.40 25.47 -12.14
C GLY B 352 -5.72 25.86 -13.43
N ASN B 353 -4.46 25.48 -13.63
CA ASN B 353 -3.72 25.81 -14.85
C ASN B 353 -3.73 24.57 -15.75
N PHE B 354 -4.87 24.37 -16.40
CA PHE B 354 -5.08 23.12 -17.13
C PHE B 354 -4.32 23.09 -18.46
N LYS B 355 -4.10 24.25 -19.09
CA LYS B 355 -3.30 24.28 -20.31
C LYS B 355 -1.85 23.91 -20.02
N ARG B 356 -1.27 24.48 -18.96
CA ARG B 356 0.08 24.08 -18.53
C ARG B 356 0.15 22.56 -18.37
N CYS B 357 -0.87 22.00 -17.70
CA CYS B 357 -0.91 20.57 -17.42
C CYS B 357 -0.88 19.75 -18.71
N ILE B 358 -1.82 20.04 -19.62
CA ILE B 358 -1.92 19.29 -20.87
C ILE B 358 -0.65 19.43 -21.70
N ASN B 359 -0.09 20.65 -21.75
CA ASN B 359 1.12 20.83 -22.55
C ASN B 359 2.29 20.06 -21.97
N LEU B 360 2.37 20.00 -20.63
CA LEU B 360 3.44 19.21 -20.01
C LEU B 360 3.27 17.73 -20.31
N TRP B 361 2.05 17.20 -20.17
CA TRP B 361 1.83 15.79 -20.48
C TRP B 361 2.04 15.49 -21.96
N LYS B 362 1.60 16.38 -22.85
CA LYS B 362 1.90 16.20 -24.27
C LYS B 362 3.41 16.13 -24.49
N TYR B 363 4.16 17.01 -23.83
CA TYR B 363 5.62 16.98 -24.01
C TYR B 363 6.23 15.72 -23.41
N ALA B 364 5.77 15.33 -22.22
CA ALA B 364 6.29 14.10 -21.63
C ALA B 364 6.01 12.88 -22.51
N LEU B 365 4.81 12.82 -23.10
CA LEU B 365 4.45 11.69 -23.96
C LEU B 365 5.31 11.68 -25.22
N ASP B 366 5.58 12.86 -25.78
CA ASP B 366 6.45 12.96 -26.95
C ASP B 366 7.86 12.53 -26.61
N MET B 367 8.37 12.97 -25.45
CA MET B 367 9.71 12.61 -25.03
C MET B 367 9.89 11.10 -24.96
N GLN B 368 8.93 10.39 -24.36
CA GLN B 368 9.02 8.94 -24.24
C GLN B 368 8.70 8.22 -25.54
N GLN B 369 7.99 8.86 -26.47
CA GLN B 369 7.85 8.29 -27.81
C GLN B 369 9.18 8.28 -28.55
N SER B 370 10.02 9.27 -28.31
CA SER B 370 11.36 9.27 -28.88
C SER B 370 12.30 8.28 -28.20
N ASN B 371 11.80 7.39 -27.34
CA ASN B 371 12.60 6.33 -26.74
C ASN B 371 12.27 4.97 -27.35
N LEU B 384 1.34 6.25 -21.04
CA LEU B 384 0.64 6.83 -19.89
C LEU B 384 -0.46 7.80 -20.34
N SER B 385 -1.69 7.51 -19.94
CA SER B 385 -2.86 8.29 -20.31
C SER B 385 -3.43 9.00 -19.10
N PHE B 386 -4.14 10.11 -19.35
CA PHE B 386 -4.82 10.81 -18.26
C PHE B 386 -5.86 9.94 -17.57
N ALA B 387 -6.55 9.07 -18.32
CA ALA B 387 -7.62 8.27 -17.73
C ALA B 387 -7.11 7.31 -16.67
N GLU B 388 -5.87 6.84 -16.80
CA GLU B 388 -5.32 5.89 -15.84
C GLU B 388 -5.26 6.45 -14.43
N LEU B 389 -5.09 7.77 -14.29
CA LEU B 389 -5.17 8.40 -12.97
C LEU B 389 -6.43 7.98 -12.23
N PHE B 390 -7.55 7.88 -12.94
CA PHE B 390 -8.86 7.65 -12.34
C PHE B 390 -9.30 6.19 -12.44
N SER B 391 -8.85 5.48 -13.48
CA SER B 391 -9.11 4.04 -13.59
C SER B 391 -8.43 3.29 -12.45
N PHE B 392 -7.17 3.63 -12.16
CA PHE B 392 -6.41 2.90 -11.15
C PHE B 392 -7.09 2.98 -9.79
N MET B 393 -7.48 4.19 -9.39
CA MET B 393 -8.05 4.38 -8.06
C MET B 393 -9.37 3.61 -7.89
N LEU B 394 -10.07 3.33 -8.98
CA LEU B 394 -11.36 2.64 -8.90
C LEU B 394 -11.24 1.13 -8.77
N GLN B 395 -10.06 0.56 -9.01
CA GLN B 395 -9.86 -0.87 -8.90
C GLN B 395 -9.78 -1.31 -7.44
N LYS B 399 -10.01 -0.81 2.59
CA LYS B 399 -9.63 0.23 3.56
C LYS B 399 -9.54 -0.33 4.99
N GLY B 400 -10.70 -0.52 5.62
CA GLY B 400 -10.76 -1.23 6.88
C GLY B 400 -10.41 -0.45 8.13
N LEU B 401 -9.14 0.02 8.23
CA LEU B 401 -8.57 0.55 9.48
C LEU B 401 -8.52 -0.54 10.56
N LEU B 402 -7.59 -1.47 10.35
CA LEU B 402 -7.31 -2.54 11.33
C LEU B 402 -7.14 -1.97 12.75
N GLY B 403 -6.22 -1.04 12.91
CA GLY B 403 -5.89 -0.50 14.22
C GLY B 403 -4.83 0.58 14.16
S SO4 C . 2.72 -11.07 8.14
O1 SO4 C . 3.92 -11.85 8.48
O2 SO4 C . 2.97 -9.65 8.36
O3 SO4 C . 2.37 -11.31 6.74
O4 SO4 C . 1.62 -11.50 9.01
#